data_3U1O
#
_entry.id   3U1O
#
_cell.length_a   109.135
_cell.length_b   129.200
_cell.length_c   72.178
_cell.angle_alpha   90.00
_cell.angle_beta   90.00
_cell.angle_gamma   90.00
#
_symmetry.space_group_name_H-M   'P 21 21 2'
#
loop_
_entity.id
_entity.type
_entity.pdbx_description
1 polymer 'De Novo design cysteine esterase ECH19'
2 non-polymer 'SULFATE ION'
3 non-polymer 'SODIUM ION'
4 water water
#
_entity_poly.entity_id   1
_entity_poly.type   'polypeptide(L)'
_entity_poly.pdbx_seq_one_letter_code
;(MSE)GSH(MSE)EVNLR(MSE)SWWGGNGRHQVTLKALEEFHKQHPNINVKAEYTGWDGHLSRLTTQIAGGTEPDV
(MSE)QTNWNWLPIFSKDGTGFYNLFSVKEQLDLAQFDPKELQQTTVNGKLNGIPISVTA(MSE)IFYFNDATWAKAGLE
YPKTWDELLAAGKVFKEKLGDQYYPVVLCAGQTLVLIRSY(MSE)TQKYNIPTIDEANKKFAYSPEQWVEFFT(MSE)YK
T(MSE)VDNHV(MSE)PSTKYYASFGKSNHYE(MSE)KPWINGEWAGTY(MSE)WNSTITKYSDNLTKPAKLVLGPYP
(MSE)LPGAKDAGLFFLPAQ(MSE)LSIGKSTKHPQESA(MSE)LINFLLNSKEGVEALGLERGVPLSATAVTQLRASGV
IKDEDPSVAGLN(MSE)ALELPHK(MSE)TTSPYFLDWQIWSLFLDAIQYIDYGQKTVQETAEYFNKQGDRILKRA
(MSE)RGSLEHHHHHH
;
_entity_poly.pdbx_strand_id   A,B
#
# COMPACT_ATOMS: atom_id res chain seq x y z
N GLY A 2 -46.97 14.16 12.37
CA GLY A 2 -46.45 14.12 13.73
C GLY A 2 -45.78 12.81 14.05
N SER A 3 -44.84 12.82 14.99
CA SER A 3 -44.17 11.60 15.35
C SER A 3 -44.61 11.15 16.75
N HIS A 4 -43.69 10.59 17.53
CA HIS A 4 -44.09 9.97 18.79
C HIS A 4 -43.21 10.46 19.92
N GLU A 6 -41.76 8.40 21.97
CA GLU A 6 -40.69 7.44 22.12
C GLU A 6 -40.22 6.82 20.80
N VAL A 7 -38.96 6.40 20.79
CA VAL A 7 -38.42 5.67 19.66
C VAL A 7 -38.16 4.23 20.06
N ASN A 8 -38.62 3.28 19.25
CA ASN A 8 -38.40 1.86 19.55
C ASN A 8 -37.41 1.18 18.63
N LEU A 9 -36.30 0.75 19.20
CA LEU A 9 -35.22 0.12 18.46
C LEU A 9 -35.10 -1.35 18.82
N ARG A 10 -34.56 -2.13 17.90
CA ARG A 10 -34.21 -3.52 18.16
C ARG A 10 -32.71 -3.70 17.91
N SER A 12 -29.62 -6.89 17.92
CA SER A 12 -29.25 -8.29 18.07
C SER A 12 -27.75 -8.47 18.31
N TRP A 13 -27.40 -9.48 19.09
CA TRP A 13 -26.00 -9.91 19.24
C TRP A 13 -25.97 -11.38 19.64
N TRP A 14 -24.78 -11.99 19.57
CA TRP A 14 -24.62 -13.38 20.00
C TRP A 14 -23.53 -13.51 21.04
N GLY A 15 -23.55 -14.60 21.79
CA GLY A 15 -22.50 -14.85 22.73
C GLY A 15 -22.97 -15.69 23.90
N GLY A 16 -22.10 -15.87 24.88
CA GLY A 16 -22.45 -16.51 26.12
C GLY A 16 -23.00 -15.50 27.12
N ASN A 17 -23.51 -16.01 28.23
CA ASN A 17 -24.13 -15.16 29.23
C ASN A 17 -23.23 -14.04 29.73
N GLY A 18 -21.93 -14.27 29.67
CA GLY A 18 -20.98 -13.28 30.12
C GLY A 18 -21.17 -12.05 29.28
N ARG A 19 -21.21 -12.23 27.97
CA ARG A 19 -21.38 -11.11 27.05
C ARG A 19 -22.79 -10.53 27.17
N HIS A 20 -23.80 -11.39 27.34
CA HIS A 20 -25.18 -10.91 27.45
C HIS A 20 -25.32 -9.95 28.63
N GLN A 21 -24.81 -10.38 29.78
CA GLN A 21 -24.93 -9.61 31.01
C GLN A 21 -24.43 -8.16 30.86
N VAL A 22 -23.23 -7.99 30.32
CA VAL A 22 -22.65 -6.66 30.26
C VAL A 22 -23.36 -5.79 29.24
N THR A 23 -23.87 -6.39 28.16
CA THR A 23 -24.54 -5.55 27.17
C THR A 23 -25.93 -5.17 27.64
N LEU A 24 -26.54 -6.06 28.44
CA LEU A 24 -27.84 -5.77 29.05
C LEU A 24 -27.65 -4.60 29.99
N LYS A 25 -26.61 -4.72 30.82
CA LYS A 25 -26.17 -3.64 31.69
C LYS A 25 -25.98 -2.35 30.88
N ALA A 26 -25.18 -2.42 29.83
CA ALA A 26 -24.93 -1.25 29.00
C ALA A 26 -26.24 -0.64 28.45
N LEU A 27 -27.22 -1.46 28.09
CA LEU A 27 -28.48 -0.93 27.61
C LEU A 27 -29.26 -0.18 28.69
N GLU A 28 -29.19 -0.64 29.95
CA GLU A 28 -29.82 0.12 31.02
C GLU A 28 -29.15 1.49 31.11
N GLU A 29 -27.82 1.52 31.01
CA GLU A 29 -27.11 2.79 31.06
C GLU A 29 -27.45 3.66 29.84
N PHE A 30 -27.65 3.02 28.71
CA PHE A 30 -28.01 3.79 27.51
C PHE A 30 -29.37 4.46 27.70
N HIS A 31 -30.34 3.69 28.21
CA HIS A 31 -31.70 4.16 28.45
C HIS A 31 -31.77 5.26 29.51
N LYS A 32 -30.84 5.24 30.46
CA LYS A 32 -30.74 6.31 31.46
C LYS A 32 -30.43 7.64 30.80
N GLN A 33 -29.69 7.59 29.70
CA GLN A 33 -29.28 8.83 29.05
C GLN A 33 -30.19 9.17 27.89
N HIS A 34 -30.93 8.18 27.42
CA HIS A 34 -31.86 8.37 26.32
C HIS A 34 -33.21 7.73 26.63
N PRO A 35 -33.90 8.27 27.66
CA PRO A 35 -35.16 7.73 28.22
C PRO A 35 -36.32 7.60 27.23
N ASN A 36 -36.23 8.21 26.05
CA ASN A 36 -37.29 8.04 25.09
C ASN A 36 -36.89 7.12 23.95
N ILE A 37 -35.69 6.55 24.05
CA ILE A 37 -35.29 5.48 23.15
C ILE A 37 -35.33 4.13 23.84
N ASN A 38 -36.27 3.28 23.42
CA ASN A 38 -36.37 1.93 23.96
C ASN A 38 -35.58 0.95 23.09
N VAL A 39 -35.06 -0.10 23.69
CA VAL A 39 -34.33 -1.11 22.95
C VAL A 39 -34.81 -2.52 23.29
N LYS A 40 -35.28 -3.24 22.28
CA LYS A 40 -35.58 -4.66 22.44
C LYS A 40 -34.32 -5.47 22.09
N ALA A 41 -33.84 -6.22 23.07
CA ALA A 41 -32.62 -7.01 22.98
C ALA A 41 -32.96 -8.37 22.44
N GLU A 42 -32.42 -8.70 21.28
CA GLU A 42 -32.70 -9.98 20.65
C GLU A 42 -31.37 -10.73 20.52
N TYR A 43 -31.05 -11.54 21.52
CA TYR A 43 -29.76 -12.22 21.54
C TYR A 43 -29.88 -13.73 21.74
N THR A 44 -28.87 -14.45 21.25
CA THR A 44 -28.79 -15.90 21.39
C THR A 44 -27.33 -16.31 21.43
N GLY A 45 -27.09 -17.61 21.56
CA GLY A 45 -25.75 -18.14 21.36
C GLY A 45 -25.40 -18.09 19.88
N TRP A 46 -24.13 -18.32 19.57
CA TRP A 46 -23.72 -18.37 18.18
C TRP A 46 -24.58 -19.33 17.34
N ASP A 47 -24.84 -20.52 17.87
CA ASP A 47 -25.50 -21.50 17.02
C ASP A 47 -26.90 -21.08 16.59
N GLY A 48 -27.09 -20.97 15.29
CA GLY A 48 -28.37 -20.62 14.71
C GLY A 48 -28.48 -19.14 14.44
N HIS A 49 -27.52 -18.36 14.93
CA HIS A 49 -27.62 -16.90 14.83
C HIS A 49 -27.61 -16.38 13.39
N LEU A 50 -26.55 -16.65 12.64
CA LEU A 50 -26.46 -16.24 11.24
C LEU A 50 -27.68 -16.72 10.44
N SER A 51 -28.19 -17.88 10.79
CA SER A 51 -29.32 -18.42 10.05
C SER A 51 -30.57 -17.57 10.31
N ARG A 52 -30.78 -17.16 11.55
CA ARG A 52 -31.95 -16.32 11.87
C ARG A 52 -31.83 -14.92 11.27
N LEU A 53 -30.62 -14.37 11.30
CA LEU A 53 -30.38 -13.03 10.79
C LEU A 53 -30.46 -13.01 9.28
N THR A 54 -29.97 -14.07 8.65
CA THR A 54 -30.05 -14.20 7.20
C THR A 54 -31.49 -14.02 6.76
N THR A 55 -32.40 -14.81 7.34
CA THR A 55 -33.79 -14.81 6.89
C THR A 55 -34.51 -13.50 7.25
N GLN A 56 -34.02 -12.81 8.29
CA GLN A 56 -34.50 -11.48 8.62
C GLN A 56 -34.01 -10.44 7.62
N ILE A 57 -32.72 -10.49 7.28
CA ILE A 57 -32.13 -9.51 6.38
C ILE A 57 -32.68 -9.64 4.97
N ALA A 58 -33.02 -10.86 4.57
CA ALA A 58 -33.61 -11.12 3.26
C ALA A 58 -34.96 -10.44 3.11
N GLY A 59 -35.80 -10.53 4.15
CA GLY A 59 -37.12 -9.92 4.11
C GLY A 59 -37.27 -8.56 4.78
N GLY A 60 -36.18 -7.81 4.90
CA GLY A 60 -36.23 -6.50 5.52
C GLY A 60 -36.81 -6.44 6.93
N THR A 61 -36.41 -7.39 7.76
CA THR A 61 -36.95 -7.54 9.12
C THR A 61 -35.81 -7.53 10.17
N GLU A 62 -34.60 -7.24 9.73
CA GLU A 62 -33.47 -7.20 10.64
C GLU A 62 -33.63 -6.09 11.67
N PRO A 63 -32.88 -6.19 12.78
CA PRO A 63 -32.88 -5.13 13.80
C PRO A 63 -32.33 -3.80 13.26
N ASP A 64 -32.56 -2.72 13.98
CA ASP A 64 -31.94 -1.46 13.66
C ASP A 64 -30.42 -1.53 13.83
N VAL A 65 -29.98 -2.11 14.95
CA VAL A 65 -28.57 -2.24 15.26
C VAL A 65 -28.24 -3.71 15.42
N GLN A 67 -24.94 -6.77 15.99
CA GLN A 67 -23.58 -7.23 16.06
C GLN A 67 -23.38 -8.10 14.83
N THR A 68 -22.33 -7.81 14.07
CA THR A 68 -22.09 -8.52 12.82
C THR A 68 -20.67 -9.09 12.78
N ASN A 69 -20.47 -10.11 11.95
CA ASN A 69 -19.14 -10.65 11.72
C ASN A 69 -18.58 -10.14 10.42
N TRP A 70 -17.29 -9.80 10.41
CA TRP A 70 -16.59 -9.34 9.21
C TRP A 70 -17.00 -10.09 7.94
N ASN A 71 -16.99 -11.42 7.96
CA ASN A 71 -17.34 -12.15 6.75
C ASN A 71 -18.81 -12.08 6.36
N TRP A 72 -19.60 -11.24 7.04
CA TRP A 72 -21.00 -11.06 6.67
C TRP A 72 -21.12 -9.98 5.62
N LEU A 73 -20.08 -9.17 5.51
CA LEU A 73 -20.08 -8.13 4.52
C LEU A 73 -20.31 -8.70 3.11
N PRO A 74 -19.48 -9.68 2.70
CA PRO A 74 -19.65 -10.27 1.36
C PRO A 74 -20.95 -11.05 1.19
N ILE A 75 -21.57 -11.46 2.29
CA ILE A 75 -22.83 -12.18 2.21
C ILE A 75 -24.01 -11.26 1.95
N PHE A 76 -24.16 -10.24 2.79
CA PHE A 76 -25.32 -9.36 2.69
C PHE A 76 -25.03 -8.01 2.05
N SER A 77 -23.77 -7.76 1.72
CA SER A 77 -23.41 -6.42 1.26
C SER A 77 -22.28 -6.37 0.25
N LYS A 78 -22.38 -7.20 -0.78
CA LYS A 78 -21.39 -7.22 -1.85
C LYS A 78 -21.15 -5.86 -2.49
N ASP A 79 -22.22 -5.06 -2.67
CA ASP A 79 -22.07 -3.75 -3.26
C ASP A 79 -22.09 -2.63 -2.21
N GLY A 80 -21.99 -3.02 -0.94
CA GLY A 80 -21.86 -2.05 0.14
C GLY A 80 -23.13 -1.39 0.66
N THR A 81 -24.29 -1.77 0.10
CA THR A 81 -25.55 -1.17 0.50
C THR A 81 -26.38 -2.08 1.39
N GLY A 82 -25.83 -3.24 1.74
CA GLY A 82 -26.52 -4.20 2.58
C GLY A 82 -26.76 -3.75 4.01
N PHE A 83 -25.93 -2.81 4.47
CA PHE A 83 -26.11 -2.23 5.79
C PHE A 83 -26.10 -0.73 5.59
N TYR A 84 -26.57 0.00 6.59
CA TYR A 84 -26.69 1.44 6.48
C TYR A 84 -25.29 2.07 6.43
N ASN A 85 -25.10 3.04 5.55
CA ASN A 85 -23.81 3.69 5.48
C ASN A 85 -23.49 4.56 6.69
N LEU A 86 -22.61 4.06 7.58
CA LEU A 86 -22.27 4.77 8.81
C LEU A 86 -21.65 6.18 8.65
N PHE A 87 -21.15 6.52 7.47
CA PHE A 87 -20.66 7.88 7.26
C PHE A 87 -21.79 8.93 7.31
N SER A 88 -23.02 8.47 7.06
CA SER A 88 -24.21 9.32 7.06
C SER A 88 -24.70 9.69 8.47
N VAL A 89 -24.18 9.02 9.49
CA VAL A 89 -24.57 9.36 10.85
C VAL A 89 -23.34 9.76 11.65
N LYS A 90 -22.36 10.28 10.90
CA LYS A 90 -21.11 10.82 11.41
C LYS A 90 -21.34 11.77 12.58
N GLU A 91 -22.46 12.50 12.56
CA GLU A 91 -22.79 13.45 13.62
C GLU A 91 -23.15 12.82 14.96
N GLN A 92 -23.70 11.61 14.94
CA GLN A 92 -24.08 10.91 16.16
C GLN A 92 -22.98 9.95 16.59
N LEU A 93 -22.15 9.59 15.64
CA LEU A 93 -21.23 8.49 15.84
C LEU A 93 -19.78 9.00 15.70
N ASP A 94 -19.08 9.11 16.82
CA ASP A 94 -17.76 9.71 16.83
C ASP A 94 -16.72 8.82 16.12
N LEU A 95 -16.58 9.04 14.83
CA LEU A 95 -15.65 8.30 14.01
C LEU A 95 -14.21 8.67 14.34
N ALA A 96 -14.02 9.78 15.04
CA ALA A 96 -12.66 10.23 15.36
C ALA A 96 -11.98 9.28 16.30
N GLN A 97 -12.76 8.47 17.01
CA GLN A 97 -12.18 7.51 17.96
C GLN A 97 -11.52 6.32 17.24
N PHE A 98 -11.65 6.24 15.92
CA PHE A 98 -11.07 5.14 15.16
C PHE A 98 -10.13 5.65 14.06
N ASP A 99 -9.44 4.70 13.40
CA ASP A 99 -8.39 5.04 12.45
C ASP A 99 -8.78 4.50 11.08
N PRO A 100 -8.26 5.11 10.00
CA PRO A 100 -8.61 4.61 8.67
C PRO A 100 -8.15 3.17 8.41
N LYS A 101 -7.02 2.77 8.97
CA LYS A 101 -6.54 1.41 8.73
C LYS A 101 -7.63 0.38 9.01
N GLU A 102 -8.26 0.47 10.17
CA GLU A 102 -9.28 -0.51 10.51
C GLU A 102 -10.68 -0.17 9.97
N LEU A 103 -10.96 1.11 9.72
CA LEU A 103 -12.25 1.44 9.14
C LEU A 103 -12.32 0.98 7.68
N GLN A 104 -11.17 0.94 7.03
CA GLN A 104 -11.14 0.46 5.66
C GLN A 104 -11.58 -0.99 5.51
N GLN A 105 -11.30 -1.84 6.51
CA GLN A 105 -11.64 -3.26 6.44
C GLN A 105 -13.15 -3.46 6.45
N THR A 106 -13.89 -2.45 6.94
CA THR A 106 -15.33 -2.54 7.09
C THR A 106 -16.02 -1.50 6.21
N THR A 107 -15.30 -1.05 5.19
CA THR A 107 -15.84 -0.17 4.18
C THR A 107 -15.97 -0.98 2.91
N VAL A 108 -17.10 -0.87 2.24
CA VAL A 108 -17.32 -1.63 1.02
C VAL A 108 -17.81 -0.68 -0.05
N ASN A 109 -17.07 -0.54 -1.13
CA ASN A 109 -17.52 0.35 -2.21
C ASN A 109 -17.89 1.69 -1.60
N GLY A 110 -16.96 2.27 -0.86
CA GLY A 110 -17.11 3.60 -0.28
C GLY A 110 -18.06 3.77 0.91
N LYS A 111 -18.73 2.70 1.30
CA LYS A 111 -19.69 2.79 2.39
C LYS A 111 -19.20 2.12 3.67
N LEU A 112 -19.28 2.86 4.78
CA LEU A 112 -18.90 2.31 6.08
C LEU A 112 -20.03 1.41 6.56
N ASN A 113 -19.79 0.10 6.48
CA ASN A 113 -20.83 -0.90 6.69
C ASN A 113 -20.96 -1.40 8.10
N GLY A 114 -19.96 -1.08 8.92
CA GLY A 114 -19.94 -1.50 10.31
C GLY A 114 -18.78 -0.84 11.01
N ILE A 115 -18.82 -0.81 12.33
CA ILE A 115 -17.66 -0.32 13.07
C ILE A 115 -16.96 -1.47 13.75
N PRO A 116 -15.66 -1.61 13.51
CA PRO A 116 -14.98 -2.73 14.15
C PRO A 116 -14.86 -2.47 15.65
N ILE A 117 -15.41 -3.36 16.48
CA ILE A 117 -15.35 -3.19 17.92
C ILE A 117 -13.96 -3.48 18.46
N SER A 118 -13.36 -4.58 18.02
CA SER A 118 -11.92 -4.77 18.23
C SER A 118 -11.30 -5.43 17.02
N VAL A 119 -9.97 -5.37 16.91
CA VAL A 119 -9.26 -6.11 15.89
C VAL A 119 -8.20 -7.05 16.46
N THR A 120 -7.89 -8.10 15.70
CA THR A 120 -6.88 -9.04 16.12
C THR A 120 -6.05 -9.47 14.92
N ALA A 121 -4.86 -9.96 15.21
CA ALA A 121 -3.98 -10.50 14.18
C ALA A 121 -3.11 -11.61 14.73
N ILE A 123 0.23 -13.44 15.52
CA ILE A 123 1.63 -13.14 15.77
C ILE A 123 2.24 -14.29 16.55
N PHE A 124 3.56 -14.21 16.73
CA PHE A 124 4.32 -15.25 17.42
C PHE A 124 4.33 -15.02 18.92
N TYR A 125 4.14 -16.11 19.66
CA TYR A 125 4.34 -16.17 21.11
C TYR A 125 5.24 -17.38 21.43
N PHE A 126 6.21 -17.20 22.31
CA PHE A 126 7.16 -18.27 22.61
C PHE A 126 7.20 -18.67 24.10
N ASN A 127 7.53 -19.94 24.34
CA ASN A 127 7.71 -20.45 25.70
C ASN A 127 9.10 -20.05 26.18
N ASP A 128 9.19 -19.16 27.17
CA ASP A 128 10.50 -18.62 27.55
C ASP A 128 11.44 -19.66 28.13
N ALA A 129 10.91 -20.62 28.88
CA ALA A 129 11.73 -21.67 29.45
C ALA A 129 12.45 -22.50 28.39
N THR A 130 11.74 -22.97 27.37
CA THR A 130 12.36 -23.83 26.35
C THR A 130 13.37 -23.07 25.49
N TRP A 131 13.09 -21.80 25.22
CA TRP A 131 14.03 -21.01 24.43
C TRP A 131 15.29 -20.70 25.26
N ALA A 132 15.12 -20.59 26.57
CA ALA A 132 16.26 -20.46 27.45
C ALA A 132 17.11 -21.73 27.41
N LYS A 133 16.45 -22.89 27.45
CA LYS A 133 17.14 -24.18 27.39
C LYS A 133 17.94 -24.33 26.10
N ALA A 134 17.42 -23.77 25.01
CA ALA A 134 18.04 -23.94 23.71
C ALA A 134 19.15 -22.91 23.52
N GLY A 135 19.24 -21.98 24.46
CA GLY A 135 20.22 -20.92 24.39
C GLY A 135 19.99 -19.98 23.22
N LEU A 136 18.73 -19.71 22.90
CA LEU A 136 18.40 -18.84 21.76
C LEU A 136 17.55 -17.62 22.10
N GLU A 137 17.86 -16.50 21.46
CA GLU A 137 16.95 -15.35 21.45
C GLU A 137 15.84 -15.67 20.46
N TYR A 138 14.71 -14.99 20.59
CA TYR A 138 13.61 -15.20 19.65
C TYR A 138 13.97 -14.67 18.27
N PRO A 139 13.43 -15.30 17.21
CA PRO A 139 13.81 -15.00 15.84
C PRO A 139 13.36 -13.61 15.41
N LYS A 140 14.29 -12.84 14.85
CA LYS A 140 13.94 -11.53 14.29
C LYS A 140 13.82 -11.63 12.77
N THR A 141 14.35 -12.69 12.20
CA THR A 141 14.22 -12.90 10.78
C THR A 141 13.68 -14.28 10.51
N TRP A 142 13.20 -14.49 9.29
CA TRP A 142 12.72 -15.79 8.87
C TRP A 142 13.81 -16.87 8.91
N ASP A 143 14.99 -16.52 8.42
CA ASP A 143 16.11 -17.47 8.46
C ASP A 143 16.50 -17.81 9.89
N GLU A 144 16.35 -16.86 10.82
CA GLU A 144 16.60 -17.20 12.22
C GLU A 144 15.57 -18.22 12.72
N LEU A 145 14.32 -18.11 12.27
CA LEU A 145 13.31 -19.10 12.65
C LEU A 145 13.71 -20.47 12.15
N LEU A 146 14.14 -20.56 10.89
CA LEU A 146 14.67 -21.79 10.34
C LEU A 146 15.86 -22.27 11.17
N ALA A 147 16.83 -21.38 11.38
CA ALA A 147 18.03 -21.75 12.13
C ALA A 147 17.66 -22.32 13.49
N ALA A 148 16.65 -21.75 14.11
CA ALA A 148 16.20 -22.20 15.42
C ALA A 148 15.75 -23.67 15.37
N GLY A 149 15.06 -24.03 14.30
CA GLY A 149 14.59 -25.40 14.14
C GLY A 149 15.70 -26.41 14.39
N LYS A 150 16.84 -26.22 13.74
CA LYS A 150 17.92 -27.21 13.84
C LYS A 150 18.57 -27.23 15.22
N VAL A 151 18.78 -26.06 15.83
CA VAL A 151 19.25 -26.00 17.22
C VAL A 151 18.29 -26.76 18.15
N PHE A 152 17.00 -26.53 17.97
CA PHE A 152 16.01 -27.23 18.79
C PHE A 152 16.16 -28.74 18.61
N LYS A 153 16.34 -29.18 17.37
CA LYS A 153 16.45 -30.60 17.11
C LYS A 153 17.69 -31.23 17.75
N GLU A 154 18.85 -30.65 17.51
CA GLU A 154 20.08 -31.28 17.98
C GLU A 154 20.44 -31.02 19.45
N LYS A 155 20.17 -29.81 19.93
CA LYS A 155 20.52 -29.42 21.29
C LYS A 155 19.50 -29.87 22.35
N LEU A 156 18.23 -30.07 21.95
CA LEU A 156 17.20 -30.48 22.91
C LEU A 156 16.56 -31.84 22.60
N GLY A 157 16.30 -32.11 21.32
CA GLY A 157 15.76 -33.39 20.92
C GLY A 157 14.84 -33.33 19.73
N ASP A 158 14.55 -34.48 19.12
CA ASP A 158 13.68 -34.51 17.96
C ASP A 158 12.24 -34.10 18.29
N GLN A 159 11.90 -34.13 19.57
CA GLN A 159 10.54 -33.83 20.02
C GLN A 159 10.34 -32.35 20.31
N TYR A 160 11.40 -31.55 20.16
CA TYR A 160 11.33 -30.11 20.44
C TYR A 160 11.21 -29.33 19.16
N TYR A 161 10.27 -28.39 19.15
CA TYR A 161 10.06 -27.54 17.98
C TYR A 161 9.88 -26.12 18.48
N PRO A 162 10.48 -25.16 17.76
CA PRO A 162 10.31 -23.73 18.02
C PRO A 162 8.83 -23.36 18.09
N VAL A 163 8.04 -23.95 17.21
CA VAL A 163 6.60 -23.70 17.25
C VAL A 163 5.76 -24.93 16.91
N VAL A 164 4.49 -24.86 17.25
CA VAL A 164 3.55 -25.85 16.77
C VAL A 164 2.48 -25.08 16.00
N LEU A 165 2.14 -25.56 14.81
CA LEU A 165 1.21 -24.84 13.93
C LEU A 165 0.21 -25.75 13.25
N CYS A 166 -1.07 -25.39 13.32
N CYS A 166 -1.07 -25.43 13.34
CA CYS A 166 -2.09 -26.04 12.52
CA CYS A 166 -2.07 -26.11 12.53
C CYS A 166 -1.98 -25.54 11.09
C CYS A 166 -2.00 -25.54 11.10
N ALA A 167 -2.74 -26.16 10.18
CA ALA A 167 -2.69 -25.79 8.77
C ALA A 167 -3.02 -24.31 8.57
N GLY A 168 -4.08 -23.88 9.23
CA GLY A 168 -4.56 -22.51 9.11
C GLY A 168 -3.53 -21.49 9.52
N GLN A 169 -2.82 -21.74 10.61
CA GLN A 169 -1.81 -20.81 11.07
C GLN A 169 -0.68 -20.75 10.06
N THR A 170 -0.33 -21.90 9.50
CA THR A 170 0.81 -22.01 8.60
C THR A 170 0.48 -21.29 7.30
N LEU A 171 -0.76 -21.45 6.86
CA LEU A 171 -1.26 -20.72 5.72
C LEU A 171 -1.13 -19.18 5.87
N VAL A 172 -1.61 -18.63 6.99
CA VAL A 172 -1.53 -17.19 7.25
C VAL A 172 -0.06 -16.76 7.38
N LEU A 173 0.75 -17.63 7.97
CA LEU A 173 2.15 -17.30 8.19
C LEU A 173 2.92 -17.15 6.88
N ILE A 174 2.70 -18.05 5.94
CA ILE A 174 3.46 -17.98 4.70
C ILE A 174 3.00 -16.77 3.88
N ARG A 175 1.68 -16.66 3.76
CA ARG A 175 1.07 -15.47 3.20
C ARG A 175 1.80 -14.24 3.71
N SER A 176 2.13 -14.23 4.99
CA SER A 176 2.76 -13.07 5.58
C SER A 176 4.15 -12.88 5.00
N TYR A 177 4.81 -14.00 4.70
CA TYR A 177 6.15 -13.94 4.15
C TYR A 177 6.10 -13.49 2.70
N THR A 179 3.85 -11.63 1.36
CA THR A 179 3.47 -10.21 1.33
C THR A 179 4.73 -9.36 1.55
N GLN A 180 5.56 -9.75 2.52
CA GLN A 180 6.83 -9.07 2.78
C GLN A 180 7.73 -9.10 1.54
N LYS A 181 7.79 -10.22 0.84
CA LYS A 181 8.70 -10.32 -0.28
C LYS A 181 8.16 -9.58 -1.49
N TYR A 182 6.87 -9.69 -1.74
CA TYR A 182 6.34 -9.29 -3.04
C TYR A 182 5.45 -8.05 -3.03
N ASN A 183 4.82 -7.78 -1.89
CA ASN A 183 3.94 -6.63 -1.77
C ASN A 183 2.78 -6.64 -2.71
N ILE A 184 2.25 -7.83 -2.98
CA ILE A 184 1.07 -7.99 -3.82
C ILE A 184 -0.06 -8.49 -2.96
N PRO A 185 -1.31 -8.28 -3.41
CA PRO A 185 -2.46 -8.76 -2.61
C PRO A 185 -2.58 -10.26 -2.81
N THR A 186 -3.29 -10.97 -1.93
CA THR A 186 -3.34 -12.43 -1.98
C THR A 186 -4.58 -12.92 -2.74
N ILE A 187 -5.70 -12.24 -2.52
CA ILE A 187 -6.92 -12.61 -3.22
C ILE A 187 -7.27 -11.49 -4.19
N ASP A 188 -7.48 -11.87 -5.43
CA ASP A 188 -7.91 -10.93 -6.46
C ASP A 188 -9.42 -10.85 -6.35
N GLU A 189 -9.90 -9.85 -5.63
CA GLU A 189 -11.30 -9.80 -5.27
C GLU A 189 -12.18 -9.79 -6.52
N ALA A 190 -11.97 -8.80 -7.39
CA ALA A 190 -12.87 -8.58 -8.51
C ALA A 190 -12.97 -9.80 -9.44
N ASN A 191 -11.89 -10.58 -9.54
CA ASN A 191 -11.91 -11.70 -10.45
C ASN A 191 -12.20 -13.04 -9.77
N LYS A 192 -12.48 -12.99 -8.47
CA LYS A 192 -12.93 -14.17 -7.75
C LYS A 192 -11.92 -15.32 -7.86
N LYS A 193 -10.66 -14.99 -7.62
CA LYS A 193 -9.63 -15.99 -7.71
C LYS A 193 -8.41 -15.59 -6.90
N PHE A 194 -7.50 -16.54 -6.67
CA PHE A 194 -6.27 -16.22 -5.98
C PHE A 194 -5.38 -15.39 -6.90
N ALA A 195 -4.57 -14.50 -6.31
CA ALA A 195 -3.80 -13.52 -7.06
C ALA A 195 -2.37 -13.94 -7.43
N TYR A 196 -1.79 -14.87 -6.69
CA TYR A 196 -0.43 -15.34 -6.96
C TYR A 196 -0.29 -15.98 -8.36
N SER A 197 0.91 -15.90 -8.92
CA SER A 197 1.20 -16.60 -10.16
C SER A 197 1.53 -18.04 -9.83
N PRO A 198 1.52 -18.92 -10.84
CA PRO A 198 1.97 -20.29 -10.58
C PRO A 198 3.31 -20.34 -9.81
N GLU A 199 4.34 -19.63 -10.27
CA GLU A 199 5.64 -19.61 -9.61
C GLU A 199 5.51 -19.32 -8.13
N GLN A 200 4.68 -18.34 -7.82
CA GLN A 200 4.51 -17.94 -6.42
C GLN A 200 3.81 -19.01 -5.58
N TRP A 201 2.86 -19.75 -6.18
CA TRP A 201 2.27 -20.87 -5.42
C TRP A 201 3.33 -21.93 -5.16
N VAL A 202 4.15 -22.22 -6.16
CA VAL A 202 5.28 -23.12 -5.98
C VAL A 202 6.15 -22.66 -4.81
N GLU A 203 6.51 -21.37 -4.83
CA GLU A 203 7.31 -20.76 -3.76
C GLU A 203 6.67 -20.93 -2.39
N PHE A 204 5.40 -20.53 -2.31
CA PHE A 204 4.57 -20.74 -1.13
C PHE A 204 4.77 -22.12 -0.48
N PHE A 205 4.60 -23.18 -1.27
CA PHE A 205 4.73 -24.51 -0.73
C PHE A 205 6.18 -24.89 -0.57
N THR A 206 7.06 -24.33 -1.40
CA THR A 206 8.48 -24.56 -1.20
C THR A 206 8.84 -24.13 0.21
N TYR A 208 6.94 -24.00 2.78
CA TYR A 208 6.41 -24.94 3.75
C TYR A 208 7.38 -26.10 3.93
N LYS A 209 7.90 -26.62 2.82
CA LYS A 209 8.84 -27.73 2.86
C LYS A 209 10.09 -27.32 3.61
N THR A 210 10.57 -26.11 3.31
CA THR A 210 11.79 -25.65 3.93
C THR A 210 11.62 -25.55 5.44
N VAL A 212 9.52 -27.29 7.42
CA VAL A 212 9.46 -28.64 7.96
C VAL A 212 10.86 -29.30 7.96
N ASP A 213 11.60 -29.19 6.85
CA ASP A 213 12.93 -29.80 6.74
C ASP A 213 13.91 -29.26 7.77
N ASN A 214 13.63 -28.06 8.29
CA ASN A 214 14.48 -27.45 9.30
C ASN A 214 13.94 -27.60 10.72
N HIS A 215 12.93 -28.45 10.88
CA HIS A 215 12.43 -28.75 12.21
C HIS A 215 11.90 -27.50 12.88
N VAL A 216 11.25 -26.64 12.10
CA VAL A 216 10.64 -25.45 12.65
C VAL A 216 9.37 -25.81 13.38
N PRO A 218 6.34 -29.35 13.79
CA PRO A 218 6.03 -30.73 13.41
C PRO A 218 5.35 -30.78 12.05
N SER A 219 5.73 -31.73 11.20
CA SER A 219 5.05 -31.89 9.92
C SER A 219 3.71 -32.57 10.17
N THR A 220 2.91 -32.73 9.11
CA THR A 220 1.58 -33.33 9.26
C THR A 220 1.57 -34.85 9.52
N LYS A 221 2.74 -35.49 9.55
CA LYS A 221 2.77 -36.88 10.05
C LYS A 221 2.44 -36.89 11.51
N TYR A 222 2.63 -35.76 12.17
CA TYR A 222 2.27 -35.67 13.56
C TYR A 222 0.90 -35.04 13.68
N TYR A 223 0.12 -35.03 12.61
CA TYR A 223 -1.14 -34.32 12.63
C TYR A 223 -2.10 -34.94 13.65
N ALA A 224 -1.94 -36.24 13.89
CA ALA A 224 -2.72 -36.90 14.91
C ALA A 224 -2.53 -36.24 16.29
N SER A 225 -1.42 -35.53 16.45
CA SER A 225 -1.00 -34.99 17.73
C SER A 225 -1.48 -33.55 17.97
N PHE A 226 -1.23 -32.69 16.99
CA PHE A 226 -1.54 -31.28 17.11
C PHE A 226 -2.78 -30.88 16.31
N GLY A 227 -3.29 -31.80 15.51
CA GLY A 227 -4.49 -31.53 14.73
C GLY A 227 -5.72 -31.30 15.59
N LYS A 228 -5.71 -30.25 16.38
CA LYS A 228 -6.87 -29.90 17.21
C LYS A 228 -6.98 -28.39 17.46
N SER A 229 -8.21 -27.89 17.50
CA SER A 229 -8.50 -26.56 18.01
C SER A 229 -8.31 -26.64 19.52
N ASN A 230 -7.34 -27.46 19.94
CA ASN A 230 -7.31 -27.99 21.29
C ASN A 230 -5.90 -28.44 21.74
N HIS A 231 -4.90 -28.24 20.90
CA HIS A 231 -3.57 -28.79 21.18
C HIS A 231 -2.81 -28.12 22.32
N TYR A 232 -3.32 -27.00 22.81
CA TYR A 232 -2.73 -26.36 23.98
C TYR A 232 -2.99 -27.17 25.22
N GLU A 233 -3.68 -28.30 25.06
CA GLU A 233 -3.93 -29.21 26.19
C GLU A 233 -3.13 -30.51 26.08
N LYS A 235 0.21 -32.88 25.95
CA LYS A 235 1.43 -32.88 26.77
C LYS A 235 2.62 -32.10 26.18
N PRO A 236 2.84 -32.21 24.87
CA PRO A 236 3.94 -31.42 24.26
C PRO A 236 3.76 -29.91 24.47
N TRP A 237 2.53 -29.46 24.58
CA TRP A 237 2.33 -28.03 24.85
C TRP A 237 2.61 -27.70 26.32
N ILE A 238 1.90 -28.42 27.20
CA ILE A 238 2.07 -28.29 28.64
C ILE A 238 3.53 -28.39 29.10
N ASN A 239 4.27 -29.33 28.52
CA ASN A 239 5.67 -29.56 28.88
C ASN A 239 6.68 -28.68 28.15
N GLY A 240 6.24 -27.89 27.20
CA GLY A 240 7.15 -26.98 26.56
C GLY A 240 7.95 -27.60 25.43
N GLU A 241 7.57 -28.80 25.02
CA GLU A 241 8.19 -29.39 23.83
C GLU A 241 7.84 -28.63 22.56
N TRP A 242 6.55 -28.35 22.34
CA TRP A 242 6.14 -27.37 21.33
C TRP A 242 6.36 -26.00 21.96
N ALA A 243 7.39 -25.29 21.55
CA ALA A 243 7.90 -24.17 22.34
C ALA A 243 7.38 -22.80 21.96
N GLY A 244 6.26 -22.77 21.22
CA GLY A 244 5.72 -21.50 20.75
C GLY A 244 4.58 -21.70 19.78
N THR A 245 3.84 -20.63 19.51
CA THR A 245 2.81 -20.69 18.48
C THR A 245 2.70 -19.36 17.73
N TYR A 246 2.00 -19.40 16.61
CA TYR A 246 1.71 -18.23 15.80
C TYR A 246 0.18 -18.16 15.82
N TRP A 248 -3.78 -15.73 16.78
CA TRP A 248 -4.49 -14.48 17.04
C TRP A 248 -4.11 -14.03 18.46
N ASN A 249 -3.70 -12.77 18.59
CA ASN A 249 -3.34 -12.19 19.89
C ASN A 249 -4.50 -12.26 20.84
N SER A 250 -5.72 -12.22 20.30
CA SER A 250 -6.92 -12.14 21.10
C SER A 250 -7.36 -13.49 21.67
N THR A 251 -6.64 -14.56 21.33
CA THR A 251 -7.05 -15.89 21.79
C THR A 251 -5.85 -16.66 22.32
N ILE A 252 -4.90 -15.93 22.88
CA ILE A 252 -3.66 -16.53 23.37
C ILE A 252 -3.78 -17.07 24.80
N THR A 253 -4.77 -16.59 25.54
CA THR A 253 -4.88 -16.98 26.96
C THR A 253 -5.03 -18.50 27.15
N LYS A 254 -5.79 -19.13 26.26
CA LYS A 254 -5.87 -20.58 26.20
C LYS A 254 -4.49 -21.24 26.27
N TYR A 255 -3.58 -20.80 25.42
CA TYR A 255 -2.23 -21.39 25.38
C TYR A 255 -1.45 -21.00 26.63
N SER A 256 -1.52 -19.72 26.95
CA SER A 256 -0.76 -19.19 28.06
C SER A 256 -1.01 -20.01 29.32
N ASP A 257 -2.28 -20.33 29.56
CA ASP A 257 -2.70 -20.90 30.83
C ASP A 257 -2.40 -22.39 30.97
N ASN A 258 -2.06 -23.05 29.87
CA ASN A 258 -1.75 -24.47 29.96
C ASN A 258 -0.27 -24.79 30.12
N LEU A 259 0.55 -23.75 30.17
CA LEU A 259 1.97 -23.95 30.43
C LEU A 259 2.18 -24.30 31.89
N THR A 260 3.12 -25.21 32.12
CA THR A 260 3.53 -25.54 33.47
C THR A 260 4.30 -24.33 33.97
N LYS A 261 3.69 -23.58 34.89
CA LYS A 261 4.40 -22.45 35.48
C LYS A 261 5.61 -23.00 36.25
N PRO A 262 6.71 -22.21 36.36
CA PRO A 262 6.90 -20.79 36.03
C PRO A 262 7.24 -20.47 34.58
N ALA A 263 7.26 -21.46 33.70
CA ALA A 263 7.36 -21.15 32.28
C ALA A 263 6.24 -20.18 31.90
N LYS A 264 6.56 -19.14 31.12
CA LYS A 264 5.50 -18.27 30.59
C LYS A 264 5.53 -18.12 29.08
N LEU A 265 4.36 -17.80 28.53
CA LEU A 265 4.23 -17.59 27.10
C LEU A 265 4.44 -16.12 26.85
N VAL A 266 5.51 -15.77 26.14
CA VAL A 266 5.84 -14.36 25.95
C VAL A 266 5.76 -13.94 24.49
N LEU A 267 5.45 -12.67 24.27
CA LEU A 267 5.36 -12.08 22.95
C LEU A 267 6.73 -12.10 22.24
N GLY A 268 6.80 -12.69 21.05
CA GLY A 268 8.03 -12.70 20.28
C GLY A 268 8.13 -11.54 19.31
N PRO A 269 9.31 -11.33 18.72
CA PRO A 269 9.36 -10.33 17.65
C PRO A 269 8.54 -10.83 16.47
N TYR A 270 8.22 -9.97 15.52
CA TYR A 270 7.66 -10.43 14.27
C TYR A 270 8.78 -10.47 13.22
N PRO A 271 9.07 -11.66 12.66
CA PRO A 271 10.21 -11.76 11.75
C PRO A 271 10.02 -10.96 10.45
N LEU A 273 11.79 -9.74 6.54
CA LEU A 273 12.81 -9.81 5.49
C LEU A 273 13.54 -8.47 5.45
N PRO A 274 14.85 -8.50 5.17
CA PRO A 274 15.64 -7.28 5.04
C PRO A 274 14.92 -6.24 4.16
N GLY A 275 14.73 -5.04 4.67
CA GLY A 275 14.01 -4.02 3.93
C GLY A 275 12.63 -4.45 3.42
N ALA A 276 11.85 -5.08 4.28
CA ALA A 276 10.44 -5.25 3.98
C ALA A 276 9.75 -3.94 4.35
N LYS A 277 8.84 -3.50 3.49
CA LYS A 277 8.07 -2.28 3.71
C LYS A 277 6.72 -2.63 4.34
N ASP A 278 6.48 -3.91 4.54
CA ASP A 278 5.18 -4.40 4.97
C ASP A 278 5.32 -5.75 5.69
N ALA A 279 4.82 -5.82 6.92
CA ALA A 279 4.97 -7.02 7.75
C ALA A 279 4.04 -8.13 7.29
N GLY A 280 2.94 -7.72 6.67
CA GLY A 280 1.97 -8.67 6.15
C GLY A 280 1.16 -9.41 7.19
N LEU A 281 0.78 -8.75 8.27
CA LEU A 281 -0.10 -9.37 9.25
C LEU A 281 -1.48 -9.58 8.63
N PHE A 282 -2.19 -10.59 9.11
CA PHE A 282 -3.58 -10.71 8.75
C PHE A 282 -4.41 -10.04 9.83
N PHE A 283 -4.70 -8.76 9.66
CA PHE A 283 -5.63 -8.11 10.57
C PHE A 283 -7.06 -8.50 10.26
N LEU A 284 -7.82 -8.72 11.32
CA LEU A 284 -9.20 -9.19 11.22
C LEU A 284 -10.05 -8.56 12.31
N PRO A 285 -11.10 -7.81 11.92
CA PRO A 285 -11.99 -7.28 12.95
C PRO A 285 -12.71 -8.45 13.60
N ALA A 286 -12.69 -8.56 14.93
CA ALA A 286 -13.33 -9.68 15.65
C ALA A 286 -14.86 -9.64 15.61
N GLN A 287 -15.43 -8.45 15.64
CA GLN A 287 -16.84 -8.25 15.32
C GLN A 287 -17.12 -6.78 15.11
N LEU A 289 -20.38 -3.55 14.95
CA LEU A 289 -21.74 -3.10 15.06
C LEU A 289 -22.14 -2.46 13.72
N SER A 290 -23.30 -2.85 13.23
CA SER A 290 -23.82 -2.33 11.98
C SER A 290 -25.24 -1.86 12.20
N ILE A 291 -25.74 -1.06 11.25
CA ILE A 291 -27.08 -0.54 11.32
C ILE A 291 -27.86 -1.11 10.15
N GLY A 292 -29.11 -1.48 10.43
CA GLY A 292 -29.99 -2.04 9.44
C GLY A 292 -30.15 -1.10 8.27
N LYS A 293 -29.99 -1.64 7.06
CA LYS A 293 -30.18 -0.89 5.84
C LYS A 293 -31.47 -0.10 5.87
N SER A 294 -32.52 -0.72 6.37
CA SER A 294 -33.85 -0.12 6.23
C SER A 294 -34.35 0.53 7.52
N THR A 295 -33.46 0.76 8.49
CA THR A 295 -33.91 1.30 9.76
C THR A 295 -34.70 2.55 9.51
N LYS A 296 -35.75 2.74 10.30
CA LYS A 296 -36.49 3.99 10.33
C LYS A 296 -35.82 4.97 11.30
N HIS A 297 -34.83 4.49 12.05
CA HIS A 297 -34.16 5.35 13.04
C HIS A 297 -32.65 5.31 12.98
N PRO A 298 -32.09 5.74 11.84
CA PRO A 298 -30.64 5.70 11.67
C PRO A 298 -29.93 6.58 12.72
N GLN A 299 -30.50 7.74 13.00
CA GLN A 299 -29.89 8.60 14.02
C GLN A 299 -29.85 7.95 15.40
N GLU A 300 -30.97 7.39 15.84
CA GLU A 300 -31.01 6.80 17.17
C GLU A 300 -30.19 5.50 17.19
N SER A 301 -30.22 4.75 16.10
CA SER A 301 -29.39 3.56 16.02
C SER A 301 -27.92 3.94 16.18
N ALA A 302 -27.51 4.99 15.48
CA ALA A 302 -26.13 5.48 15.54
C ALA A 302 -25.75 5.94 16.95
N LEU A 304 -26.88 4.60 19.74
CA LEU A 304 -26.71 3.38 20.51
C LEU A 304 -25.30 2.83 20.29
N ILE A 305 -24.92 2.68 19.02
CA ILE A 305 -23.59 2.21 18.71
C ILE A 305 -22.53 3.11 19.34
N ASN A 306 -22.72 4.42 19.24
CA ASN A 306 -21.75 5.33 19.81
C ASN A 306 -21.62 5.16 21.31
N PHE A 307 -22.76 4.95 21.95
CA PHE A 307 -22.80 4.82 23.39
C PHE A 307 -22.07 3.53 23.83
N LEU A 308 -22.38 2.43 23.17
CA LEU A 308 -21.74 1.16 23.49
C LEU A 308 -20.22 1.22 23.30
N LEU A 309 -19.76 1.99 22.32
CA LEU A 309 -18.35 2.02 21.95
C LEU A 309 -17.53 3.16 22.54
N ASN A 310 -18.14 4.33 22.70
CA ASN A 310 -17.38 5.54 23.07
C ASN A 310 -17.72 6.16 24.43
N SER A 311 -18.96 5.99 24.88
CA SER A 311 -19.41 6.63 26.11
C SER A 311 -18.72 5.99 27.33
N LYS A 312 -18.56 6.76 28.41
CA LYS A 312 -17.91 6.27 29.64
C LYS A 312 -18.69 5.10 30.22
N GLU A 313 -20.01 5.26 30.32
CA GLU A 313 -20.82 4.25 30.96
C GLU A 313 -20.90 2.98 30.11
N GLY A 314 -21.18 3.13 28.81
CA GLY A 314 -21.23 1.99 27.93
C GLY A 314 -19.89 1.25 27.91
N VAL A 315 -18.80 2.00 27.76
CA VAL A 315 -17.46 1.42 27.71
C VAL A 315 -17.17 0.65 29.00
N GLU A 316 -17.46 1.26 30.14
CA GLU A 316 -17.20 0.60 31.41
C GLU A 316 -17.97 -0.73 31.56
N ALA A 317 -19.21 -0.76 31.08
CA ALA A 317 -20.07 -1.91 31.27
C ALA A 317 -19.67 -3.06 30.36
N LEU A 318 -19.25 -2.74 29.14
CA LEU A 318 -18.88 -3.75 28.16
C LEU A 318 -17.52 -4.40 28.44
N GLY A 319 -16.65 -3.69 29.13
CA GLY A 319 -15.30 -4.19 29.44
C GLY A 319 -14.62 -4.84 28.24
N LEU A 320 -14.05 -6.02 28.45
CA LEU A 320 -13.33 -6.72 27.40
C LEU A 320 -14.11 -7.88 26.83
N GLU A 321 -15.43 -7.86 26.98
CA GLU A 321 -16.25 -9.01 26.59
C GLU A 321 -16.34 -9.22 25.08
N ARG A 322 -15.65 -8.38 24.33
CA ARG A 322 -15.65 -8.49 22.88
C ARG A 322 -14.24 -8.25 22.37
N GLY A 323 -13.28 -8.48 23.25
CA GLY A 323 -11.90 -8.22 22.93
C GLY A 323 -11.49 -6.85 23.44
N VAL A 324 -10.25 -6.48 23.17
CA VAL A 324 -9.75 -5.18 23.57
C VAL A 324 -10.33 -4.17 22.59
N PRO A 325 -11.05 -3.18 23.10
CA PRO A 325 -11.71 -2.23 22.21
C PRO A 325 -10.72 -1.52 21.30
N LEU A 326 -11.22 -1.14 20.14
CA LEU A 326 -10.45 -0.40 19.15
C LEU A 326 -10.57 1.09 19.41
N SER A 327 -11.75 1.54 19.83
CA SER A 327 -12.02 2.95 20.12
C SER A 327 -10.93 3.59 21.00
N ALA A 328 -10.33 4.67 20.52
CA ALA A 328 -9.26 5.34 21.26
C ALA A 328 -9.68 5.83 22.65
N THR A 329 -10.86 6.42 22.77
CA THR A 329 -11.34 6.83 24.10
C THR A 329 -11.61 5.58 24.94
N ALA A 330 -12.15 4.56 24.29
CA ALA A 330 -12.39 3.30 24.96
C ALA A 330 -11.14 2.75 25.62
N VAL A 331 -10.03 2.66 24.89
CA VAL A 331 -8.85 2.04 25.50
C VAL A 331 -8.14 2.95 26.50
N THR A 332 -8.18 4.25 26.27
CA THR A 332 -7.72 5.19 27.30
C THR A 332 -8.48 5.03 28.61
N GLN A 333 -9.78 4.77 28.52
CA GLN A 333 -10.59 4.58 29.72
C GLN A 333 -10.21 3.30 30.44
N LEU A 334 -10.13 2.20 29.69
CA LEU A 334 -9.87 0.90 30.34
C LEU A 334 -8.43 0.76 30.85
N ARG A 335 -7.47 1.45 30.22
CA ARG A 335 -6.11 1.51 30.78
C ARG A 335 -6.13 2.17 32.16
N ALA A 336 -6.77 3.34 32.25
CA ALA A 336 -6.87 4.07 33.51
C ALA A 336 -7.64 3.30 34.60
N SER A 337 -8.59 2.47 34.21
CA SER A 337 -9.36 1.72 35.18
C SER A 337 -8.67 0.41 35.58
N GLY A 338 -7.50 0.15 35.02
CA GLY A 338 -6.78 -1.08 35.25
C GLY A 338 -7.28 -2.29 34.49
N VAL A 339 -8.38 -2.15 33.76
CA VAL A 339 -8.97 -3.30 33.05
C VAL A 339 -8.08 -3.78 31.92
N ILE A 340 -7.45 -2.84 31.22
CA ILE A 340 -6.49 -3.17 30.18
C ILE A 340 -5.06 -3.03 30.73
N LYS A 341 -4.31 -4.12 30.72
CA LYS A 341 -2.95 -4.12 31.27
C LYS A 341 -1.90 -4.35 30.20
N ASP A 342 -1.09 -3.31 29.94
CA ASP A 342 -0.03 -3.39 28.95
C ASP A 342 0.77 -4.70 29.03
N GLU A 343 0.87 -5.29 30.21
CA GLU A 343 1.69 -6.49 30.38
C GLU A 343 0.97 -7.78 30.01
N ASP A 344 -0.33 -7.70 29.81
CA ASP A 344 -1.10 -8.86 29.33
C ASP A 344 -0.67 -9.20 27.89
N PRO A 345 -0.20 -10.44 27.67
CA PRO A 345 0.32 -10.90 26.37
C PRO A 345 -0.60 -10.55 25.21
N SER A 346 -1.90 -10.59 25.48
CA SER A 346 -2.91 -10.29 24.49
C SER A 346 -2.83 -8.82 24.08
N VAL A 347 -2.62 -7.96 25.07
CA VAL A 347 -2.56 -6.52 24.83
C VAL A 347 -1.19 -6.10 24.27
N ALA A 348 -0.13 -6.71 24.76
CA ALA A 348 1.20 -6.39 24.25
C ALA A 348 1.30 -6.79 22.78
N GLY A 349 0.77 -7.97 22.44
CA GLY A 349 0.77 -8.43 21.07
C GLY A 349 -0.02 -7.53 20.14
N LEU A 350 -1.25 -7.20 20.52
CA LEU A 350 -2.04 -6.23 19.77
C LEU A 350 -1.27 -4.92 19.56
N ASN A 351 -0.73 -4.36 20.64
CA ASN A 351 0.02 -3.11 20.54
C ASN A 351 1.16 -3.21 19.54
N ALA A 353 1.47 -5.29 17.12
CA ALA A 353 0.87 -5.55 15.80
C ALA A 353 0.37 -4.29 15.13
N LEU A 354 -0.39 -3.47 15.87
CA LEU A 354 -0.91 -2.21 15.34
C LEU A 354 0.21 -1.32 14.82
N GLU A 355 1.41 -1.53 15.34
CA GLU A 355 2.54 -0.65 15.12
C GLU A 355 3.48 -1.13 14.01
N LEU A 356 3.30 -2.35 13.54
CA LEU A 356 4.13 -2.86 12.47
C LEU A 356 3.62 -2.28 11.16
N PRO A 357 4.50 -2.11 10.16
CA PRO A 357 4.07 -1.54 8.88
C PRO A 357 3.01 -2.41 8.21
N HIS A 358 1.88 -1.81 7.86
CA HIS A 358 0.74 -2.59 7.40
C HIS A 358 0.06 -2.01 6.17
N LYS A 359 0.78 -2.06 5.06
CA LYS A 359 0.32 -1.57 3.78
C LYS A 359 -0.81 -2.43 3.18
N THR A 361 -3.76 -5.22 2.43
CA THR A 361 -5.01 -5.54 3.12
C THR A 361 -5.57 -6.90 2.72
N THR A 362 -6.57 -7.35 3.48
CA THR A 362 -6.99 -8.74 3.47
C THR A 362 -8.47 -8.98 3.14
N SER A 363 -8.75 -10.14 2.55
CA SER A 363 -10.10 -10.55 2.14
C SER A 363 -10.65 -11.55 3.14
N PRO A 364 -11.95 -11.45 3.47
CA PRO A 364 -12.55 -12.44 4.38
C PRO A 364 -12.53 -13.85 3.80
N TYR A 365 -12.39 -13.96 2.48
CA TYR A 365 -12.35 -15.28 1.85
C TYR A 365 -11.04 -16.03 2.10
N PHE A 366 -10.02 -15.33 2.58
CA PHE A 366 -8.81 -16.06 2.90
C PHE A 366 -8.98 -16.97 4.12
N LEU A 367 -9.98 -16.69 4.95
CA LEU A 367 -10.25 -17.48 6.16
C LEU A 367 -11.37 -18.49 5.95
N ASP A 368 -11.82 -18.65 4.71
CA ASP A 368 -12.88 -19.60 4.39
C ASP A 368 -12.46 -21.04 4.73
N TRP A 369 -13.33 -21.78 5.39
CA TRP A 369 -12.92 -23.08 5.92
C TRP A 369 -12.68 -24.16 4.88
N GLN A 370 -13.28 -24.01 3.71
CA GLN A 370 -12.98 -24.92 2.62
C GLN A 370 -11.56 -24.66 2.13
N ILE A 371 -11.18 -23.40 2.06
CA ILE A 371 -9.80 -23.03 1.71
C ILE A 371 -8.82 -23.63 2.73
N TRP A 372 -9.12 -23.48 4.02
CA TRP A 372 -8.22 -23.98 5.04
C TRP A 372 -8.12 -25.50 4.98
N SER A 373 -9.26 -26.16 4.81
CA SER A 373 -9.31 -27.60 4.68
C SER A 373 -8.45 -28.08 3.49
N LEU A 374 -8.51 -27.35 2.38
CA LEU A 374 -7.75 -27.72 1.19
C LEU A 374 -6.23 -27.58 1.41
N PHE A 375 -5.85 -26.56 2.18
CA PHE A 375 -4.45 -26.34 2.46
C PHE A 375 -3.91 -27.49 3.34
N LEU A 376 -4.72 -27.95 4.28
CA LEU A 376 -4.34 -29.11 5.06
C LEU A 376 -4.10 -30.32 4.13
N ASP A 377 -4.96 -30.51 3.15
CA ASP A 377 -4.82 -31.59 2.17
C ASP A 377 -3.51 -31.48 1.42
N ALA A 378 -3.21 -30.27 0.95
CA ALA A 378 -2.05 -30.04 0.11
C ALA A 378 -0.73 -30.31 0.84
N ILE A 379 -0.65 -29.90 2.11
CA ILE A 379 0.59 -30.12 2.86
C ILE A 379 0.76 -31.59 3.26
N GLN A 380 -0.34 -32.31 3.48
CA GLN A 380 -0.24 -33.74 3.74
C GLN A 380 0.28 -34.53 2.53
N TYR A 381 -0.17 -34.16 1.34
CA TYR A 381 0.34 -34.71 0.09
C TYR A 381 1.86 -34.50 -0.01
N ILE A 382 2.36 -33.41 0.57
CA ILE A 382 3.80 -33.20 0.62
C ILE A 382 4.46 -34.06 1.68
N ASP A 383 3.91 -34.04 2.89
CA ASP A 383 4.53 -34.77 4.00
C ASP A 383 4.47 -36.30 3.84
N TYR A 384 3.42 -36.78 3.19
CA TYR A 384 3.18 -38.23 3.02
C TYR A 384 3.62 -38.76 1.66
N GLY A 385 4.15 -37.89 0.80
CA GLY A 385 4.74 -38.26 -0.47
C GLY A 385 3.86 -38.52 -1.69
N GLN A 386 2.60 -38.05 -1.68
CA GLN A 386 1.76 -38.22 -2.87
C GLN A 386 2.14 -37.26 -3.99
N LYS A 387 2.58 -36.06 -3.61
CA LYS A 387 2.86 -35.00 -4.58
C LYS A 387 4.15 -34.28 -4.22
N THR A 388 4.88 -33.84 -5.22
CA THR A 388 6.02 -32.97 -5.02
C THR A 388 5.45 -31.60 -4.72
N VAL A 389 6.32 -30.66 -4.37
CA VAL A 389 5.91 -29.30 -4.08
C VAL A 389 5.23 -28.63 -5.27
N GLN A 390 5.86 -28.75 -6.42
CA GLN A 390 5.30 -28.30 -7.69
C GLN A 390 3.87 -28.80 -7.92
N GLU A 391 3.67 -30.11 -7.91
CA GLU A 391 2.34 -30.68 -8.16
C GLU A 391 1.34 -30.16 -7.15
N THR A 392 1.75 -30.12 -5.89
CA THR A 392 0.87 -29.64 -4.84
C THR A 392 0.44 -28.21 -5.17
N ALA A 393 1.39 -27.39 -5.60
CA ALA A 393 1.12 -25.98 -5.84
C ALA A 393 0.05 -25.85 -6.92
N GLU A 394 0.26 -26.55 -8.03
CA GLU A 394 -0.69 -26.48 -9.14
C GLU A 394 -2.04 -26.91 -8.62
N TYR A 395 -2.02 -27.94 -7.80
CA TYR A 395 -3.25 -28.50 -7.26
C TYR A 395 -3.95 -27.45 -6.42
N PHE A 396 -3.22 -26.83 -5.50
CA PHE A 396 -3.87 -25.90 -4.59
C PHE A 396 -4.41 -24.66 -5.34
N ASN A 397 -3.64 -24.20 -6.30
CA ASN A 397 -4.05 -23.05 -7.09
C ASN A 397 -5.38 -23.36 -7.79
N LYS A 398 -5.43 -24.53 -8.43
CA LYS A 398 -6.60 -24.93 -9.21
C LYS A 398 -7.83 -25.15 -8.35
N GLN A 399 -7.73 -26.03 -7.37
CA GLN A 399 -8.86 -26.30 -6.47
C GLN A 399 -9.18 -25.06 -5.65
N GLY A 400 -8.17 -24.27 -5.32
CA GLY A 400 -8.37 -23.07 -4.53
C GLY A 400 -9.24 -22.08 -5.30
N ASP A 401 -8.93 -21.90 -6.58
CA ASP A 401 -9.75 -21.04 -7.41
C ASP A 401 -11.21 -21.52 -7.43
N ARG A 402 -11.41 -22.82 -7.63
CA ARG A 402 -12.77 -23.37 -7.75
C ARG A 402 -13.58 -23.21 -6.47
N ILE A 403 -12.91 -23.27 -5.33
CA ILE A 403 -13.59 -23.07 -4.07
C ILE A 403 -13.98 -21.61 -3.94
N LEU A 404 -13.16 -20.71 -4.47
CA LEU A 404 -13.43 -19.28 -4.36
C LEU A 404 -14.59 -18.83 -5.24
N LYS A 405 -14.56 -19.19 -6.53
CA LYS A 405 -15.60 -18.75 -7.45
C LYS A 405 -16.92 -19.15 -6.81
N ARG A 406 -17.00 -20.40 -6.40
CA ARG A 406 -18.18 -20.93 -5.73
C ARG A 406 -18.60 -20.06 -4.53
N ALA A 407 -17.66 -19.76 -3.63
CA ALA A 407 -17.99 -19.05 -2.40
C ALA A 407 -18.32 -17.57 -2.62
N ARG A 409 -20.14 -16.37 -5.18
CA ARG A 409 -21.40 -16.28 -5.95
C ARG A 409 -21.60 -17.47 -6.87
N GLY A 410 -22.69 -18.21 -6.65
CA GLY A 410 -23.05 -19.34 -7.47
C GLY A 410 -22.65 -20.69 -6.92
N SER A 411 -23.32 -21.12 -5.86
CA SER A 411 -23.03 -22.40 -5.21
C SER A 411 -24.29 -23.14 -4.73
N LEU A 412 -24.58 -24.32 -5.28
CA LEU A 412 -23.82 -24.96 -6.37
C LEU A 412 -22.32 -25.13 -6.06
N SER B 3 52.74 6.04 -21.22
CA SER B 3 51.28 5.85 -21.34
C SER B 3 50.86 4.58 -22.13
N HIS B 4 49.63 4.57 -22.64
CA HIS B 4 49.04 3.31 -23.14
C HIS B 4 48.33 3.39 -24.49
N GLU B 6 45.67 1.68 -25.40
CA GLU B 6 44.23 1.61 -25.26
C GLU B 6 43.75 2.14 -23.91
N VAL B 7 42.51 2.64 -23.90
CA VAL B 7 41.91 3.13 -22.67
C VAL B 7 40.80 2.19 -22.23
N ASN B 8 40.74 1.88 -20.93
CA ASN B 8 39.72 0.94 -20.42
C ASN B 8 38.69 1.55 -19.49
N LEU B 9 37.44 1.59 -19.95
CA LEU B 9 36.35 2.23 -19.23
C LEU B 9 35.37 1.21 -18.69
N ARG B 10 34.74 1.54 -17.57
CA ARG B 10 33.64 0.79 -17.04
C ARG B 10 32.40 1.66 -17.10
N SER B 12 28.17 1.38 -15.95
CA SER B 12 27.07 0.66 -15.35
C SER B 12 25.71 1.23 -15.73
N TRP B 13 24.70 0.36 -15.82
CA TRP B 13 23.33 0.82 -15.94
C TRP B 13 22.36 -0.24 -15.44
N TRP B 14 21.09 0.11 -15.26
CA TRP B 14 20.09 -0.89 -14.86
C TRP B 14 18.92 -0.90 -15.83
N GLY B 15 18.15 -1.98 -15.82
CA GLY B 15 16.99 -2.07 -16.67
C GLY B 15 16.66 -3.51 -16.98
N GLY B 16 15.64 -3.70 -17.81
CA GLY B 16 15.32 -5.02 -18.34
C GLY B 16 16.10 -5.33 -19.61
N ASN B 17 15.91 -6.54 -20.12
CA ASN B 17 16.61 -7.00 -21.32
C ASN B 17 16.51 -6.07 -22.52
N GLY B 18 15.36 -5.42 -22.66
CA GLY B 18 15.14 -4.53 -23.77
C GLY B 18 16.20 -3.47 -23.75
N ARG B 19 16.32 -2.77 -22.63
CA ARG B 19 17.28 -1.70 -22.49
C ARG B 19 18.71 -2.21 -22.63
N HIS B 20 19.01 -3.39 -22.07
CA HIS B 20 20.34 -3.98 -22.18
C HIS B 20 20.81 -4.18 -23.64
N GLN B 21 19.94 -4.77 -24.46
CA GLN B 21 20.25 -5.04 -25.85
C GLN B 21 20.61 -3.76 -26.61
N VAL B 22 19.81 -2.72 -26.48
CA VAL B 22 20.06 -1.53 -27.25
C VAL B 22 21.36 -0.89 -26.81
N THR B 23 21.67 -0.92 -25.52
CA THR B 23 22.89 -0.24 -25.09
C THR B 23 24.15 -1.04 -25.40
N LEU B 24 24.06 -2.38 -25.33
CA LEU B 24 25.15 -3.22 -25.80
C LEU B 24 25.40 -2.90 -27.27
N LYS B 25 24.31 -2.76 -28.02
CA LYS B 25 24.37 -2.41 -29.42
C LYS B 25 25.15 -1.10 -29.57
N ALA B 26 24.68 -0.07 -28.88
CA ALA B 26 25.32 1.24 -28.94
C ALA B 26 26.81 1.14 -28.57
N LEU B 27 27.15 0.21 -27.68
CA LEU B 27 28.54 0.08 -27.27
C LEU B 27 29.43 -0.49 -28.37
N GLU B 28 28.89 -1.41 -29.18
CA GLU B 28 29.60 -1.87 -30.38
C GLU B 28 29.83 -0.70 -31.37
N GLU B 29 28.83 0.17 -31.52
CA GLU B 29 28.98 1.32 -32.41
C GLU B 29 29.99 2.34 -31.90
N PHE B 30 29.99 2.56 -30.60
CA PHE B 30 30.95 3.48 -30.00
C PHE B 30 32.36 2.97 -30.28
N HIS B 31 32.55 1.69 -30.05
CA HIS B 31 33.86 1.08 -30.15
C HIS B 31 34.31 0.93 -31.62
N LYS B 32 33.36 0.99 -32.55
CA LYS B 32 33.67 1.07 -33.98
C LYS B 32 34.26 2.45 -34.28
N GLN B 33 33.85 3.46 -33.52
CA GLN B 33 34.35 4.80 -33.81
C GLN B 33 35.53 5.18 -32.93
N HIS B 34 35.65 4.51 -31.80
CA HIS B 34 36.75 4.71 -30.89
C HIS B 34 37.34 3.35 -30.52
N PRO B 35 37.97 2.68 -31.49
CA PRO B 35 38.56 1.33 -31.34
C PRO B 35 39.61 1.18 -30.23
N ASN B 36 40.22 2.26 -29.76
CA ASN B 36 41.20 2.14 -28.70
C ASN B 36 40.59 2.39 -27.30
N ILE B 37 39.27 2.60 -27.29
CA ILE B 37 38.55 2.75 -26.05
C ILE B 37 37.70 1.53 -25.77
N ASN B 38 38.03 0.82 -24.70
CA ASN B 38 37.26 -0.36 -24.35
C ASN B 38 36.22 -0.03 -23.30
N VAL B 39 35.12 -0.77 -23.29
CA VAL B 39 34.07 -0.53 -22.31
C VAL B 39 33.56 -1.83 -21.72
N LYS B 40 33.85 -2.03 -20.44
CA LYS B 40 33.28 -3.12 -19.69
C LYS B 40 31.90 -2.69 -19.15
N ALA B 41 30.86 -3.42 -19.59
CA ALA B 41 29.48 -3.14 -19.24
C ALA B 41 29.12 -3.90 -18.00
N GLU B 42 28.71 -3.18 -16.96
CA GLU B 42 28.27 -3.78 -15.71
C GLU B 42 26.81 -3.36 -15.51
N TYR B 43 25.89 -4.23 -15.85
CA TYR B 43 24.47 -3.91 -15.82
C TYR B 43 23.67 -4.99 -15.10
N THR B 44 22.54 -4.57 -14.51
CA THR B 44 21.62 -5.48 -13.82
C THR B 44 20.19 -4.93 -13.90
N GLY B 45 19.24 -5.67 -13.38
CA GLY B 45 17.91 -5.13 -13.18
C GLY B 45 17.97 -4.14 -12.04
N TRP B 46 16.86 -3.46 -11.82
CA TRP B 46 16.81 -2.41 -10.80
C TRP B 46 17.16 -2.95 -9.42
N ASP B 47 16.69 -4.14 -9.12
CA ASP B 47 16.90 -4.70 -7.80
C ASP B 47 18.36 -4.93 -7.45
N GLY B 48 18.78 -4.30 -6.35
CA GLY B 48 20.12 -4.46 -5.83
C GLY B 48 21.02 -3.40 -6.39
N HIS B 49 20.52 -2.64 -7.37
CA HIS B 49 21.41 -1.75 -8.11
C HIS B 49 21.97 -0.59 -7.28
N LEU B 50 21.11 0.19 -6.66
CA LEU B 50 21.56 1.33 -5.86
C LEU B 50 22.50 0.82 -4.77
N SER B 51 22.19 -0.38 -4.28
CA SER B 51 22.92 -0.93 -3.18
C SER B 51 24.35 -1.30 -3.59
N ARG B 52 24.51 -1.80 -4.81
CA ARG B 52 25.84 -2.15 -5.29
C ARG B 52 26.64 -0.90 -5.64
N LEU B 53 25.97 0.11 -6.19
CA LEU B 53 26.62 1.35 -6.54
C LEU B 53 27.07 2.10 -5.30
N THR B 54 26.16 2.22 -4.33
CA THR B 54 26.49 2.86 -3.07
C THR B 54 27.84 2.40 -2.57
N THR B 55 28.03 1.08 -2.44
CA THR B 55 29.25 0.57 -1.82
C THR B 55 30.45 0.80 -2.71
N GLN B 56 30.22 0.86 -4.02
CA GLN B 56 31.27 1.20 -4.96
C GLN B 56 31.63 2.66 -4.77
N ILE B 57 30.63 3.53 -4.76
CA ILE B 57 30.87 4.97 -4.61
C ILE B 57 31.61 5.26 -3.32
N ALA B 58 31.24 4.56 -2.26
CA ALA B 58 31.86 4.76 -0.96
C ALA B 58 33.34 4.40 -1.01
N GLY B 59 33.63 3.28 -1.66
CA GLY B 59 35.00 2.79 -1.74
C GLY B 59 35.78 3.33 -2.92
N GLY B 60 35.21 4.25 -3.68
CA GLY B 60 35.88 4.81 -4.84
C GLY B 60 36.19 3.80 -5.92
N THR B 61 35.23 2.91 -6.17
CA THR B 61 35.33 1.83 -7.16
C THR B 61 34.17 1.90 -8.16
N GLU B 62 33.49 3.04 -8.19
CA GLU B 62 32.42 3.23 -9.14
C GLU B 62 32.95 3.18 -10.58
N PRO B 63 32.08 2.84 -11.53
CA PRO B 63 32.44 2.89 -12.94
C PRO B 63 32.82 4.30 -13.35
N ASP B 64 33.49 4.44 -14.50
CA ASP B 64 33.76 5.74 -15.09
C ASP B 64 32.47 6.42 -15.51
N VAL B 65 31.57 5.66 -16.14
CA VAL B 65 30.27 6.19 -16.56
C VAL B 65 29.11 5.42 -15.94
N GLN B 67 24.70 5.14 -15.33
CA GLN B 67 23.34 5.61 -15.45
C GLN B 67 22.96 5.96 -14.04
N THR B 68 22.37 7.13 -13.84
CA THR B 68 21.98 7.56 -12.51
C THR B 68 20.52 8.04 -12.40
N ASN B 69 19.93 7.91 -11.22
CA ASN B 69 18.64 8.51 -10.93
C ASN B 69 18.76 9.89 -10.29
N TRP B 70 17.92 10.82 -10.75
CA TRP B 70 17.88 12.18 -10.21
C TRP B 70 18.04 12.26 -8.69
N ASN B 71 17.38 11.37 -7.95
CA ASN B 71 17.44 11.45 -6.51
C ASN B 71 18.70 10.85 -5.90
N TRP B 72 19.67 10.44 -6.72
CA TRP B 72 20.97 10.02 -6.20
C TRP B 72 21.85 11.24 -6.01
N LEU B 73 21.41 12.37 -6.53
CA LEU B 73 22.19 13.58 -6.36
C LEU B 73 22.35 13.94 -4.88
N PRO B 74 21.24 14.02 -4.14
CA PRO B 74 21.32 14.29 -2.69
C PRO B 74 21.92 13.14 -1.89
N ILE B 75 22.05 11.96 -2.50
CA ILE B 75 22.66 10.84 -1.78
C ILE B 75 24.19 10.86 -1.86
N PHE B 76 24.74 11.10 -3.04
CA PHE B 76 26.18 10.96 -3.27
C PHE B 76 26.93 12.26 -3.52
N SER B 77 26.18 13.35 -3.75
CA SER B 77 26.82 14.64 -3.82
C SER B 77 25.91 15.74 -3.35
N LYS B 78 25.74 15.81 -2.04
CA LYS B 78 25.11 16.96 -1.40
C LYS B 78 25.79 18.27 -1.82
N ASP B 79 27.11 18.25 -2.00
CA ASP B 79 27.84 19.49 -2.29
C ASP B 79 28.25 19.62 -3.75
N GLY B 80 27.84 18.66 -4.58
CA GLY B 80 28.06 18.69 -6.02
C GLY B 80 29.36 18.08 -6.52
N THR B 81 30.17 17.53 -5.60
CA THR B 81 31.49 16.98 -5.92
C THR B 81 31.49 15.46 -5.99
N GLY B 82 30.34 14.84 -5.76
CA GLY B 82 30.25 13.39 -5.73
C GLY B 82 30.25 12.73 -7.08
N PHE B 83 30.14 13.54 -8.13
CA PHE B 83 30.28 13.05 -9.50
C PHE B 83 31.15 14.07 -10.23
N TYR B 84 31.71 13.65 -11.35
CA TYR B 84 32.61 14.54 -12.07
C TYR B 84 31.83 15.70 -12.66
N ASN B 85 32.34 16.92 -12.52
CA ASN B 85 31.71 18.11 -13.06
C ASN B 85 31.72 18.13 -14.58
N LEU B 86 30.56 17.81 -15.17
CA LEU B 86 30.44 17.72 -16.62
C LEU B 86 30.79 19.00 -17.40
N PHE B 87 30.77 20.16 -16.74
CA PHE B 87 31.20 21.40 -17.40
C PHE B 87 32.68 21.36 -17.83
N SER B 88 33.48 20.54 -17.13
CA SER B 88 34.90 20.39 -17.41
C SER B 88 35.22 19.60 -18.69
N VAL B 89 34.26 18.87 -19.23
CA VAL B 89 34.48 18.08 -20.45
C VAL B 89 33.59 18.60 -21.57
N LYS B 90 33.34 19.90 -21.54
CA LYS B 90 32.52 20.61 -22.50
C LYS B 90 33.02 20.43 -23.94
N GLU B 91 34.32 20.16 -24.09
CA GLU B 91 34.93 19.90 -25.40
C GLU B 91 34.54 18.54 -25.98
N GLN B 92 34.29 17.56 -25.12
CA GLN B 92 33.95 16.24 -25.63
C GLN B 92 32.44 16.04 -25.63
N LEU B 93 31.76 16.78 -24.77
CA LEU B 93 30.34 16.57 -24.52
C LEU B 93 29.56 17.78 -25.02
N ASP B 94 28.86 17.62 -26.13
CA ASP B 94 28.14 18.72 -26.76
C ASP B 94 26.90 19.12 -25.92
N LEU B 95 27.12 20.09 -25.04
CA LEU B 95 26.09 20.57 -24.13
C LEU B 95 25.12 21.47 -24.84
N ALA B 96 25.43 21.80 -26.10
CA ALA B 96 24.53 22.65 -26.87
C ALA B 96 23.26 21.92 -27.27
N GLN B 97 23.25 20.60 -27.14
CA GLN B 97 22.05 19.82 -27.46
C GLN B 97 20.98 19.91 -26.37
N PHE B 98 21.33 20.50 -25.23
CA PHE B 98 20.40 20.58 -24.09
C PHE B 98 20.10 22.03 -23.68
N ASP B 99 19.13 22.22 -22.79
CA ASP B 99 18.68 23.56 -22.38
C ASP B 99 18.96 23.79 -20.89
N PRO B 100 19.23 25.05 -20.52
CA PRO B 100 19.49 25.36 -19.10
C PRO B 100 18.34 24.94 -18.19
N LYS B 101 17.11 25.12 -18.64
CA LYS B 101 15.92 24.62 -17.94
C LYS B 101 16.18 23.22 -17.40
N GLU B 102 16.55 22.30 -18.28
CA GLU B 102 16.77 20.91 -17.86
C GLU B 102 18.14 20.69 -17.19
N LEU B 103 19.18 21.34 -17.68
CA LEU B 103 20.49 21.13 -17.07
C LEU B 103 20.55 21.62 -15.60
N GLN B 104 19.69 22.54 -15.22
CA GLN B 104 19.69 23.04 -13.86
C GLN B 104 19.20 22.03 -12.83
N GLN B 105 18.35 21.10 -13.25
CA GLN B 105 17.90 20.05 -12.35
C GLN B 105 19.01 19.08 -11.99
N THR B 106 20.05 19.02 -12.83
CA THR B 106 21.16 18.10 -12.62
C THR B 106 22.42 18.86 -12.25
N THR B 107 22.25 20.16 -11.98
CA THR B 107 23.33 20.99 -11.52
C THR B 107 23.24 21.16 -10.01
N VAL B 108 24.34 20.90 -9.33
CA VAL B 108 24.39 20.98 -7.88
C VAL B 108 25.55 21.86 -7.41
N ASN B 109 25.25 23.04 -6.86
CA ASN B 109 26.31 23.91 -6.37
C ASN B 109 27.28 24.20 -7.50
N GLY B 110 26.75 24.60 -8.66
CA GLY B 110 27.58 25.04 -9.76
C GLY B 110 28.18 23.96 -10.64
N LYS B 111 28.08 22.71 -10.21
CA LYS B 111 28.69 21.59 -10.93
C LYS B 111 27.64 20.76 -11.68
N LEU B 112 27.89 20.53 -12.97
CA LEU B 112 26.97 19.71 -13.75
C LEU B 112 27.22 18.24 -13.46
N ASN B 113 26.31 17.66 -12.68
CA ASN B 113 26.50 16.34 -12.09
C ASN B 113 26.07 15.16 -12.93
N GLY B 114 25.25 15.42 -13.93
CA GLY B 114 24.77 14.36 -14.78
C GLY B 114 24.07 15.00 -15.94
N ILE B 115 23.89 14.27 -17.02
CA ILE B 115 23.09 14.80 -18.11
C ILE B 115 21.76 14.08 -18.16
N PRO B 116 20.67 14.85 -18.10
CA PRO B 116 19.36 14.19 -18.14
C PRO B 116 19.10 13.62 -19.54
N ILE B 117 18.91 12.30 -19.61
CA ILE B 117 18.63 11.60 -20.85
C ILE B 117 17.24 11.93 -21.39
N SER B 118 16.26 11.86 -20.49
CA SER B 118 14.93 12.37 -20.81
C SER B 118 14.33 13.00 -19.57
N VAL B 119 13.35 13.88 -19.77
CA VAL B 119 12.58 14.43 -18.66
C VAL B 119 11.10 14.11 -18.81
N THR B 120 10.39 14.03 -17.71
CA THR B 120 8.96 13.84 -17.79
C THR B 120 8.27 14.73 -16.77
N ALA B 121 6.97 14.94 -16.98
CA ALA B 121 6.15 15.71 -16.04
C ALA B 121 4.73 15.15 -15.99
N ILE B 123 0.85 15.43 -16.24
CA ILE B 123 -0.19 16.24 -16.86
C ILE B 123 -1.49 15.45 -16.94
N PHE B 124 -2.54 16.10 -17.43
CA PHE B 124 -3.88 15.50 -17.54
C PHE B 124 -4.09 14.77 -18.86
N TYR B 125 -4.75 13.61 -18.76
CA TYR B 125 -5.21 12.84 -19.90
C TYR B 125 -6.65 12.41 -19.63
N PHE B 126 -7.51 12.54 -20.63
CA PHE B 126 -8.93 12.24 -20.44
C PHE B 126 -9.44 11.18 -21.39
N ASN B 127 -10.48 10.47 -20.97
CA ASN B 127 -11.11 9.44 -21.78
C ASN B 127 -12.15 10.15 -22.63
N ASP B 128 -11.93 10.20 -23.94
CA ASP B 128 -12.78 11.05 -24.76
C ASP B 128 -14.27 10.64 -24.84
N ALA B 129 -14.55 9.35 -24.72
CA ALA B 129 -15.93 8.90 -24.82
C ALA B 129 -16.74 9.35 -23.60
N THR B 130 -16.19 9.18 -22.41
CA THR B 130 -16.90 9.60 -21.21
C THR B 130 -17.12 11.10 -21.12
N TRP B 131 -16.13 11.90 -21.52
CA TRP B 131 -16.31 13.36 -21.54
C TRP B 131 -17.35 13.79 -22.59
N ALA B 132 -17.44 13.06 -23.69
CA ALA B 132 -18.49 13.35 -24.66
C ALA B 132 -19.86 12.96 -24.11
N LYS B 133 -19.93 11.82 -23.42
CA LYS B 133 -21.16 11.41 -22.74
C LYS B 133 -21.60 12.47 -21.71
N ALA B 134 -20.66 13.21 -21.17
CA ALA B 134 -20.96 14.22 -20.16
C ALA B 134 -21.32 15.56 -20.78
N GLY B 135 -21.11 15.67 -22.08
CA GLY B 135 -21.35 16.91 -22.80
C GLY B 135 -20.38 18.00 -22.37
N LEU B 136 -19.16 17.62 -22.02
CA LEU B 136 -18.22 18.59 -21.48
C LEU B 136 -16.91 18.74 -22.29
N GLU B 137 -16.48 19.98 -22.46
CA GLU B 137 -15.16 20.28 -22.96
CA GLU B 137 -15.16 20.28 -22.96
C GLU B 137 -14.19 19.93 -21.84
N TYR B 138 -12.92 19.73 -22.15
CA TYR B 138 -11.98 19.44 -21.06
C TYR B 138 -11.68 20.72 -20.30
N PRO B 139 -11.38 20.59 -19.00
CA PRO B 139 -11.22 21.78 -18.15
C PRO B 139 -10.00 22.60 -18.51
N LYS B 140 -10.17 23.91 -18.60
CA LYS B 140 -9.07 24.81 -18.88
C LYS B 140 -8.69 25.59 -17.64
N THR B 141 -9.54 25.54 -16.62
CA THR B 141 -9.23 26.17 -15.35
C THR B 141 -9.54 25.19 -14.23
N TRP B 142 -9.11 25.53 -13.02
CA TRP B 142 -9.36 24.70 -11.87
C TRP B 142 -10.84 24.64 -11.50
N ASP B 143 -11.53 25.77 -11.57
CA ASP B 143 -12.94 25.79 -11.27
C ASP B 143 -13.75 24.98 -12.32
N GLU B 144 -13.26 24.92 -13.56
CA GLU B 144 -13.96 24.14 -14.57
C GLU B 144 -13.87 22.66 -14.24
N LEU B 145 -12.72 22.24 -13.72
CA LEU B 145 -12.52 20.88 -13.26
C LEU B 145 -13.48 20.55 -12.11
N LEU B 146 -13.52 21.42 -11.10
CA LEU B 146 -14.51 21.29 -10.05
C LEU B 146 -15.94 21.16 -10.63
N ALA B 147 -16.29 22.04 -11.58
CA ALA B 147 -17.65 22.07 -12.13
C ALA B 147 -17.95 20.77 -12.84
N ALA B 148 -16.92 20.19 -13.43
CA ALA B 148 -17.02 18.93 -14.14
C ALA B 148 -17.47 17.82 -13.19
N GLY B 149 -16.94 17.86 -11.97
CA GLY B 149 -17.30 16.90 -10.95
C GLY B 149 -18.81 16.81 -10.76
N LYS B 150 -19.48 17.96 -10.69
CA LYS B 150 -20.92 18.01 -10.45
C LYS B 150 -21.68 17.33 -11.59
N VAL B 151 -21.43 17.82 -12.81
CA VAL B 151 -22.04 17.27 -14.02
C VAL B 151 -21.86 15.75 -14.10
N PHE B 152 -20.62 15.29 -13.94
CA PHE B 152 -20.33 13.88 -13.95
C PHE B 152 -21.25 13.15 -12.98
N LYS B 153 -21.34 13.68 -11.77
CA LYS B 153 -22.07 13.00 -10.73
C LYS B 153 -23.60 13.07 -10.89
N GLU B 154 -24.13 14.13 -11.49
CA GLU B 154 -25.59 14.19 -11.68
C GLU B 154 -26.09 13.80 -13.06
N LYS B 155 -25.27 13.99 -14.09
CA LYS B 155 -25.63 13.55 -15.44
C LYS B 155 -25.27 12.08 -15.75
N LEU B 156 -24.22 11.55 -15.15
CA LEU B 156 -23.78 10.18 -15.44
C LEU B 156 -23.95 9.19 -14.27
N GLY B 157 -23.61 9.63 -13.06
CA GLY B 157 -23.81 8.81 -11.89
C GLY B 157 -22.71 9.02 -10.86
N ASP B 158 -22.94 8.52 -9.67
CA ASP B 158 -22.00 8.68 -8.59
C ASP B 158 -20.68 7.95 -8.85
N GLN B 159 -20.73 6.91 -9.67
CA GLN B 159 -19.53 6.13 -9.95
C GLN B 159 -18.64 6.81 -11.01
N TYR B 160 -19.11 7.91 -11.60
CA TYR B 160 -18.32 8.61 -12.62
C TYR B 160 -17.52 9.76 -12.04
N TYR B 161 -16.25 9.86 -12.45
CA TYR B 161 -15.38 10.93 -11.99
C TYR B 161 -14.56 11.49 -13.14
N PRO B 162 -14.43 12.83 -13.16
CA PRO B 162 -13.56 13.45 -14.15
C PRO B 162 -12.20 12.76 -14.16
N VAL B 163 -11.63 12.56 -12.98
CA VAL B 163 -10.36 11.83 -12.90
C VAL B 163 -10.33 10.80 -11.78
N VAL B 164 -9.33 9.92 -11.83
CA VAL B 164 -9.01 9.10 -10.67
C VAL B 164 -7.57 9.40 -10.30
N LEU B 165 -7.30 9.58 -9.01
CA LEU B 165 -5.96 9.96 -8.57
C LEU B 165 -5.49 9.22 -7.33
N CYS B 166 -4.27 8.71 -7.36
CA CYS B 166 -3.65 8.19 -6.15
CA CYS B 166 -3.68 8.20 -6.14
C CYS B 166 -3.15 9.36 -5.30
N ALA B 167 -2.77 9.08 -4.06
CA ALA B 167 -2.33 10.14 -3.15
C ALA B 167 -1.19 10.97 -3.75
N GLY B 168 -0.21 10.28 -4.33
CA GLY B 168 0.95 10.93 -4.91
C GLY B 168 0.56 11.92 -6.00
N GLN B 169 -0.37 11.53 -6.87
CA GLN B 169 -0.77 12.41 -7.96
C GLN B 169 -1.49 13.62 -7.41
N THR B 170 -2.29 13.42 -6.36
CA THR B 170 -3.07 14.50 -5.79
C THR B 170 -2.14 15.51 -5.12
N LEU B 171 -1.07 14.98 -4.53
CA LEU B 171 -0.06 15.79 -3.89
C LEU B 171 0.67 16.69 -4.88
N VAL B 172 1.07 16.12 -6.02
CA VAL B 172 1.75 16.88 -7.06
C VAL B 172 0.78 17.87 -7.70
N LEU B 173 -0.47 17.44 -7.87
CA LEU B 173 -1.48 18.29 -8.49
C LEU B 173 -1.74 19.56 -7.68
N ILE B 174 -1.90 19.41 -6.37
CA ILE B 174 -2.20 20.56 -5.54
C ILE B 174 -0.98 21.49 -5.45
N ARG B 175 0.19 20.89 -5.28
CA ARG B 175 1.44 21.64 -5.35
C ARG B 175 1.42 22.58 -6.56
N SER B 176 1.04 22.02 -7.70
CA SER B 176 0.97 22.79 -8.93
C SER B 176 -0.04 23.94 -8.81
N TYR B 177 -1.11 23.72 -8.04
CA TYR B 177 -2.06 24.79 -7.86
C TYR B 177 -1.49 25.89 -6.98
N THR B 179 1.64 26.58 -6.57
CA THR B 179 2.72 27.26 -7.30
C THR B 179 2.17 28.34 -8.23
N GLN B 180 1.07 28.03 -8.93
CA GLN B 180 0.40 29.02 -9.79
C GLN B 180 -0.08 30.22 -8.98
N LYS B 181 -0.64 29.95 -7.80
CA LYS B 181 -1.26 31.01 -7.03
C LYS B 181 -0.21 31.87 -6.34
N TYR B 182 0.80 31.22 -5.77
CA TYR B 182 1.76 31.92 -4.89
C TYR B 182 3.18 32.13 -5.48
N ASN B 183 3.56 31.34 -6.49
CA ASN B 183 4.86 31.48 -7.12
C ASN B 183 6.00 31.40 -6.10
N ILE B 184 5.89 30.48 -5.16
CA ILE B 184 6.93 30.22 -4.15
C ILE B 184 7.43 28.78 -4.21
N PRO B 185 8.61 28.51 -3.64
CA PRO B 185 9.13 27.13 -3.69
C PRO B 185 8.44 26.24 -2.67
N THR B 186 8.38 24.94 -2.92
CA THR B 186 7.69 24.00 -2.03
C THR B 186 8.60 23.42 -0.93
N ILE B 187 9.81 23.01 -1.28
CA ILE B 187 10.75 22.59 -0.26
C ILE B 187 11.84 23.65 -0.09
N ASP B 188 12.07 24.04 1.16
CA ASP B 188 13.18 24.94 1.50
C ASP B 188 14.39 24.07 1.74
N GLU B 189 15.18 23.86 0.69
CA GLU B 189 16.32 22.95 0.71
C GLU B 189 17.32 23.22 1.84
N ALA B 190 17.71 24.48 1.98
CA ALA B 190 18.79 24.83 2.89
C ALA B 190 18.45 24.54 4.34
N ASN B 191 17.18 24.70 4.71
CA ASN B 191 16.79 24.52 6.10
C ASN B 191 16.10 23.19 6.33
N LYS B 192 16.18 22.33 5.33
CA LYS B 192 15.73 20.95 5.48
C LYS B 192 14.29 20.84 5.99
N LYS B 193 13.40 21.61 5.40
CA LYS B 193 12.02 21.63 5.84
C LYS B 193 11.12 22.14 4.73
N PHE B 194 9.83 21.82 4.81
CA PHE B 194 8.86 22.39 3.88
C PHE B 194 8.79 23.91 4.01
N ALA B 195 8.37 24.57 2.94
CA ALA B 195 8.43 26.03 2.84
C ALA B 195 7.08 26.75 3.01
N TYR B 196 5.97 26.04 2.80
CA TYR B 196 4.68 26.69 2.97
C TYR B 196 4.53 27.21 4.40
N SER B 197 3.74 28.24 4.56
CA SER B 197 3.42 28.71 5.90
C SER B 197 2.26 27.86 6.40
N PRO B 198 2.08 27.79 7.72
CA PRO B 198 0.92 27.09 8.28
C PRO B 198 -0.38 27.35 7.50
N GLU B 199 -0.69 28.61 7.18
CA GLU B 199 -1.95 28.94 6.49
C GLU B 199 -1.99 28.24 5.15
N GLN B 200 -0.82 28.06 4.56
CA GLN B 200 -0.73 27.50 3.21
C GLN B 200 -0.94 25.99 3.22
N TRP B 201 -0.51 25.33 4.31
CA TRP B 201 -0.81 23.91 4.46
C TRP B 201 -2.32 23.67 4.62
N VAL B 202 -2.99 24.53 5.39
CA VAL B 202 -4.44 24.49 5.48
C VAL B 202 -5.09 24.64 4.10
N GLU B 203 -4.65 25.65 3.37
CA GLU B 203 -5.14 25.89 2.02
C GLU B 203 -4.96 24.68 1.13
N PHE B 204 -3.75 24.14 1.16
CA PHE B 204 -3.42 22.91 0.44
C PHE B 204 -4.47 21.79 0.68
N PHE B 205 -4.77 21.52 1.95
CA PHE B 205 -5.70 20.46 2.29
C PHE B 205 -7.15 20.89 2.09
N THR B 206 -7.41 22.17 2.27
CA THR B 206 -8.71 22.74 1.92
C THR B 206 -9.00 22.46 0.46
N TYR B 208 -7.82 19.99 -1.22
CA TYR B 208 -8.15 18.56 -1.30
C TYR B 208 -9.63 18.29 -1.02
N LYS B 209 -10.11 18.83 0.08
CA LYS B 209 -11.51 18.71 0.45
C LYS B 209 -12.46 19.25 -0.64
N THR B 210 -12.17 20.43 -1.15
CA THR B 210 -13.05 21.02 -2.14
C THR B 210 -13.15 20.10 -3.33
N VAL B 212 -12.71 16.65 -3.49
CA VAL B 212 -13.53 15.52 -3.12
C VAL B 212 -15.03 15.90 -3.03
N ASP B 213 -15.34 16.99 -2.32
CA ASP B 213 -16.74 17.43 -2.17
C ASP B 213 -17.40 17.77 -3.50
N ASN B 214 -16.60 18.08 -4.51
CA ASN B 214 -17.13 18.43 -5.83
C ASN B 214 -17.10 17.26 -6.81
N HIS B 215 -16.86 16.06 -6.28
CA HIS B 215 -16.87 14.86 -7.11
C HIS B 215 -15.86 14.90 -8.24
N VAL B 216 -14.68 15.47 -8.01
CA VAL B 216 -13.67 15.55 -9.05
C VAL B 216 -12.94 14.22 -9.17
N PRO B 218 -12.54 10.17 -6.83
CA PRO B 218 -12.98 9.37 -5.67
C PRO B 218 -12.15 9.70 -4.45
N SER B 219 -12.81 9.89 -3.30
CA SER B 219 -12.10 10.11 -2.05
C SER B 219 -11.44 8.80 -1.59
N THR B 220 -10.67 8.85 -0.52
CA THR B 220 -9.99 7.63 -0.06
C THR B 220 -10.91 6.61 0.61
N LYS B 221 -12.20 6.92 0.69
CA LYS B 221 -13.17 5.89 1.14
C LYS B 221 -13.20 4.81 0.07
N TYR B 222 -12.86 5.20 -1.16
CA TYR B 222 -12.77 4.25 -2.25
C TYR B 222 -11.35 3.74 -2.44
N TYR B 223 -10.52 3.87 -1.43
CA TYR B 223 -9.12 3.53 -1.63
C TYR B 223 -8.92 2.06 -1.92
N ALA B 224 -9.79 1.22 -1.39
CA ALA B 224 -9.70 -0.20 -1.63
C ALA B 224 -9.70 -0.47 -3.13
N SER B 225 -10.35 0.43 -3.86
CA SER B 225 -10.60 0.27 -5.29
C SER B 225 -9.48 0.84 -6.17
N PHE B 226 -9.17 2.12 -6.00
CA PHE B 226 -8.20 2.79 -6.87
C PHE B 226 -6.81 2.83 -6.24
N GLY B 227 -6.72 2.55 -4.93
CA GLY B 227 -5.43 2.59 -4.25
C GLY B 227 -4.65 1.38 -4.69
N LYS B 228 -4.95 0.83 -5.88
CA LYS B 228 -4.28 -0.37 -6.35
C LYS B 228 -3.15 -0.07 -7.32
N SER B 229 -2.81 1.21 -7.47
CA SER B 229 -1.62 1.65 -8.24
C SER B 229 -1.20 0.67 -9.35
N ASN B 230 -2.14 0.48 -10.28
CA ASN B 230 -2.26 -0.68 -11.16
C ASN B 230 -3.75 -0.61 -11.50
N HIS B 231 -4.34 0.51 -11.08
CA HIS B 231 -5.77 0.73 -11.21
C HIS B 231 -6.20 0.95 -12.64
N TYR B 232 -5.25 1.06 -13.55
CA TYR B 232 -5.59 1.17 -14.96
C TYR B 232 -6.10 -0.16 -15.45
N GLU B 233 -5.97 -1.21 -14.63
CA GLU B 233 -6.53 -2.50 -14.99
CA GLU B 233 -6.48 -2.53 -14.94
C GLU B 233 -7.82 -2.84 -14.23
N LYS B 235 -11.86 -2.37 -13.49
CA LYS B 235 -13.02 -2.12 -14.34
C LYS B 235 -13.39 -0.63 -14.50
N PRO B 236 -13.38 0.16 -13.40
CA PRO B 236 -13.76 1.57 -13.53
C PRO B 236 -12.87 2.34 -14.52
N TRP B 237 -11.63 1.90 -14.68
CA TRP B 237 -10.78 2.53 -15.68
C TRP B 237 -11.12 2.05 -17.11
N ILE B 238 -11.15 0.73 -17.27
CA ILE B 238 -11.51 0.06 -18.51
C ILE B 238 -12.87 0.51 -19.05
N ASN B 239 -13.87 0.58 -18.16
CA ASN B 239 -15.23 0.98 -18.57
C ASN B 239 -15.44 2.50 -18.67
N GLY B 240 -14.40 3.29 -18.39
CA GLY B 240 -14.51 4.73 -18.56
C GLY B 240 -15.25 5.46 -17.46
N GLU B 241 -15.53 4.78 -16.36
CA GLU B 241 -16.10 5.44 -15.20
C GLU B 241 -15.13 6.44 -14.56
N TRP B 242 -13.90 6.00 -14.29
CA TRP B 242 -12.83 6.95 -13.96
C TRP B 242 -12.37 7.53 -15.29
N ALA B 243 -12.76 8.77 -15.56
CA ALA B 243 -12.66 9.31 -16.93
C ALA B 243 -11.37 10.04 -17.31
N GLY B 244 -10.30 9.87 -16.54
CA GLY B 244 -9.07 10.60 -16.81
C GLY B 244 -8.05 10.42 -15.71
N THR B 245 -6.84 10.92 -15.91
CA THR B 245 -5.83 10.85 -14.87
C THR B 245 -4.86 12.01 -14.97
N TYR B 246 -4.08 12.20 -13.90
CA TYR B 246 -3.02 13.16 -13.86
C TYR B 246 -1.79 12.30 -13.65
N TRP B 248 2.48 11.01 -15.13
CA TRP B 248 3.69 11.24 -15.90
C TRP B 248 3.38 10.94 -17.37
N ASN B 249 3.71 11.90 -18.24
CA ASN B 249 3.51 11.74 -19.68
C ASN B 249 4.26 10.54 -20.23
N SER B 250 5.34 10.17 -19.54
CA SER B 250 6.24 9.13 -20.05
C SER B 250 5.70 7.76 -19.72
N THR B 251 4.65 7.72 -18.93
CA THR B 251 4.17 6.46 -18.38
C THR B 251 2.65 6.35 -18.61
N ILE B 252 2.16 6.94 -19.69
CA ILE B 252 0.74 6.98 -19.92
C ILE B 252 0.22 5.80 -20.76
N THR B 253 1.11 5.07 -21.43
CA THR B 253 0.67 4.01 -22.35
C THR B 253 -0.08 2.88 -21.63
N LYS B 254 0.38 2.56 -20.43
CA LYS B 254 -0.31 1.64 -19.53
C LYS B 254 -1.80 1.95 -19.53
N TYR B 255 -2.14 3.17 -19.11
CA TYR B 255 -3.51 3.63 -19.07
C TYR B 255 -4.19 3.55 -20.43
N SER B 256 -3.49 4.01 -21.46
CA SER B 256 -4.08 4.21 -22.77
C SER B 256 -4.62 2.91 -23.35
N ASP B 257 -3.89 1.83 -23.10
CA ASP B 257 -4.14 0.57 -23.76
C ASP B 257 -5.19 -0.27 -23.06
N ASN B 258 -5.70 0.21 -21.95
CA ASN B 258 -6.72 -0.55 -21.25
C ASN B 258 -8.12 -0.03 -21.47
N LEU B 259 -8.24 1.09 -22.18
CA LEU B 259 -9.54 1.64 -22.52
C LEU B 259 -10.26 0.70 -23.46
N THR B 260 -11.57 0.62 -23.29
CA THR B 260 -12.41 -0.09 -24.24
C THR B 260 -12.51 0.72 -25.53
N LYS B 261 -11.93 0.20 -26.60
CA LYS B 261 -12.05 0.86 -27.89
C LYS B 261 -13.52 0.96 -28.24
N PRO B 262 -13.93 2.03 -28.94
CA PRO B 262 -13.03 3.06 -29.49
C PRO B 262 -12.80 4.23 -28.54
N ALA B 263 -13.02 4.07 -27.24
CA ALA B 263 -12.67 5.13 -26.32
C ALA B 263 -11.17 5.37 -26.47
N LYS B 264 -10.74 6.64 -26.45
CA LYS B 264 -9.31 6.86 -26.47
C LYS B 264 -8.85 7.81 -25.37
N LEU B 265 -7.59 7.65 -24.98
CA LEU B 265 -7.03 8.50 -23.94
C LEU B 265 -6.36 9.66 -24.64
N VAL B 266 -6.89 10.87 -24.46
CA VAL B 266 -6.37 12.02 -25.17
C VAL B 266 -5.75 13.05 -24.20
N LEU B 267 -4.80 13.81 -24.73
CA LEU B 267 -4.11 14.86 -23.98
C LEU B 267 -5.09 16.00 -23.66
N GLY B 268 -5.21 16.37 -22.38
CA GLY B 268 -6.06 17.48 -21.99
C GLY B 268 -5.30 18.80 -21.77
N PRO B 269 -6.03 19.92 -21.75
CA PRO B 269 -5.36 21.17 -21.40
C PRO B 269 -4.74 21.05 -20.00
N TYR B 270 -3.87 22.00 -19.63
CA TYR B 270 -3.39 22.10 -18.26
C TYR B 270 -4.06 23.29 -17.58
N PRO B 271 -4.87 23.04 -16.53
CA PRO B 271 -5.68 24.12 -15.95
C PRO B 271 -4.81 25.24 -15.35
N LEU B 273 -4.89 29.13 -13.23
CA LEU B 273 -5.53 30.27 -12.56
C LEU B 273 -5.38 31.52 -13.43
N PRO B 274 -6.43 32.36 -13.47
CA PRO B 274 -6.38 33.61 -14.24
C PRO B 274 -5.02 34.30 -14.10
N GLY B 275 -4.37 34.55 -15.22
CA GLY B 275 -3.06 35.19 -15.24
C GLY B 275 -1.98 34.60 -14.35
N ALA B 276 -1.88 33.27 -14.29
CA ALA B 276 -0.75 32.69 -13.58
C ALA B 276 0.48 32.88 -14.46
N LYS B 277 1.65 32.99 -13.83
CA LYS B 277 2.90 33.13 -14.55
C LYS B 277 3.63 31.79 -14.65
N ASP B 278 3.13 30.80 -13.91
CA ASP B 278 3.86 29.56 -13.73
C ASP B 278 2.86 28.41 -13.56
N ALA B 279 2.83 27.51 -14.52
CA ALA B 279 1.93 26.35 -14.47
C ALA B 279 2.28 25.41 -13.31
N GLY B 280 3.52 25.48 -12.83
CA GLY B 280 3.97 24.67 -11.73
C GLY B 280 3.95 23.17 -11.94
N LEU B 281 4.43 22.71 -13.08
CA LEU B 281 4.59 21.27 -13.33
C LEU B 281 5.70 20.70 -12.45
N PHE B 282 5.61 19.42 -12.13
CA PHE B 282 6.75 18.75 -11.55
C PHE B 282 7.54 18.05 -12.65
N PHE B 283 8.56 18.73 -13.17
CA PHE B 283 9.47 18.14 -14.14
C PHE B 283 10.51 17.36 -13.37
N LEU B 284 10.90 16.22 -13.94
CA LEU B 284 11.80 15.29 -13.29
C LEU B 284 12.57 14.50 -14.34
N PRO B 285 13.89 14.62 -14.33
CA PRO B 285 14.70 13.84 -15.26
C PRO B 285 14.47 12.37 -14.96
N ALA B 286 14.08 11.58 -15.96
CA ALA B 286 13.79 10.16 -15.75
C ALA B 286 15.04 9.36 -15.40
N GLN B 287 16.15 9.70 -16.04
CA GLN B 287 17.46 9.21 -15.63
C GLN B 287 18.57 10.06 -16.20
N LEU B 289 23.02 10.33 -17.21
CA LEU B 289 24.32 9.72 -17.31
C LEU B 289 25.29 10.62 -16.53
N SER B 290 26.14 10.00 -15.72
CA SER B 290 27.13 10.72 -14.93
C SER B 290 28.49 10.09 -15.11
N ILE B 291 29.53 10.82 -14.73
CA ILE B 291 30.89 10.33 -14.79
C ILE B 291 31.43 10.23 -13.38
N GLY B 292 32.18 9.18 -13.10
CA GLY B 292 32.71 8.95 -11.77
C GLY B 292 33.62 10.07 -11.34
N LYS B 293 33.48 10.49 -10.09
CA LYS B 293 34.29 11.55 -9.49
C LYS B 293 35.81 11.34 -9.69
N SER B 294 36.23 10.09 -9.63
CA SER B 294 37.67 9.84 -9.65
C SER B 294 38.13 9.08 -10.89
N THR B 295 37.34 9.13 -11.96
CA THR B 295 37.76 8.53 -13.21
C THR B 295 39.17 8.98 -13.54
N LYS B 296 39.97 8.05 -14.04
CA LYS B 296 41.28 8.38 -14.58
C LYS B 296 41.12 8.82 -16.02
N HIS B 297 39.92 8.68 -16.56
CA HIS B 297 39.66 9.02 -17.96
C HIS B 297 38.40 9.87 -18.19
N PRO B 298 38.41 11.09 -17.66
CA PRO B 298 37.23 11.97 -17.80
C PRO B 298 36.92 12.30 -19.27
N GLN B 299 37.93 12.49 -20.09
CA GLN B 299 37.67 12.87 -21.48
C GLN B 299 37.00 11.75 -22.26
N GLU B 300 37.51 10.54 -22.11
CA GLU B 300 36.95 9.42 -22.85
C GLU B 300 35.57 9.05 -22.29
N SER B 301 35.41 9.17 -20.97
CA SER B 301 34.11 8.91 -20.36
C SER B 301 33.10 9.88 -20.99
N ALA B 302 33.51 11.14 -21.11
CA ALA B 302 32.65 12.16 -21.68
C ALA B 302 32.30 11.86 -23.12
N LEU B 304 31.93 8.83 -24.30
CA LEU B 304 30.95 7.75 -24.25
C LEU B 304 29.54 8.35 -24.06
N ILE B 305 29.41 9.21 -23.07
CA ILE B 305 28.16 9.91 -22.84
C ILE B 305 27.69 10.64 -24.11
N ASN B 306 28.57 11.41 -24.71
CA ASN B 306 28.18 12.20 -25.86
C ASN B 306 27.70 11.32 -27.00
N PHE B 307 28.34 10.18 -27.17
CA PHE B 307 28.06 9.33 -28.30
C PHE B 307 26.68 8.70 -28.12
N LEU B 308 26.41 8.24 -26.90
CA LEU B 308 25.14 7.61 -26.55
C LEU B 308 23.93 8.56 -26.66
N LEU B 309 24.14 9.83 -26.32
CA LEU B 309 23.07 10.81 -26.32
C LEU B 309 23.00 11.71 -27.55
N ASN B 310 24.10 11.85 -28.29
CA ASN B 310 24.13 12.80 -29.43
C ASN B 310 24.52 12.23 -30.80
N SER B 311 25.36 11.19 -30.85
CA SER B 311 25.83 10.65 -32.13
C SER B 311 24.67 9.95 -32.84
N LYS B 312 24.72 9.91 -34.17
CA LYS B 312 23.65 9.27 -34.96
C LYS B 312 23.48 7.78 -34.68
N GLU B 313 24.57 7.05 -34.60
CA GLU B 313 24.50 5.62 -34.37
C GLU B 313 24.06 5.25 -32.93
N GLY B 314 24.65 5.87 -31.92
CA GLY B 314 24.17 5.64 -30.56
C GLY B 314 22.72 6.06 -30.34
N VAL B 315 22.34 7.23 -30.84
CA VAL B 315 20.95 7.67 -30.77
C VAL B 315 20.00 6.66 -31.43
N GLU B 316 20.38 6.21 -32.62
CA GLU B 316 19.60 5.23 -33.36
C GLU B 316 19.49 3.89 -32.64
N ALA B 317 20.60 3.43 -32.07
CA ALA B 317 20.63 2.15 -31.36
C ALA B 317 19.78 2.20 -30.10
N LEU B 318 19.89 3.31 -29.36
CA LEU B 318 19.22 3.44 -28.06
C LEU B 318 17.71 3.70 -28.16
N GLY B 319 17.26 4.26 -29.27
CA GLY B 319 15.85 4.60 -29.46
C GLY B 319 15.17 5.23 -28.25
N LEU B 320 14.05 4.64 -27.84
CA LEU B 320 13.27 5.16 -26.72
C LEU B 320 13.34 4.31 -25.47
N GLU B 321 14.38 3.48 -25.35
CA GLU B 321 14.48 2.58 -24.20
C GLU B 321 14.68 3.32 -22.87
N ARG B 322 14.85 4.64 -22.95
CA ARG B 322 15.06 5.45 -21.75
C ARG B 322 14.15 6.66 -21.76
N GLY B 323 13.06 6.57 -22.53
CA GLY B 323 12.16 7.68 -22.67
C GLY B 323 12.46 8.47 -23.93
N VAL B 324 11.66 9.48 -24.22
CA VAL B 324 11.92 10.35 -25.35
C VAL B 324 13.15 11.19 -25.01
N PRO B 325 14.19 11.13 -25.86
CA PRO B 325 15.42 11.81 -25.53
C PRO B 325 15.19 13.31 -25.39
N LEU B 326 16.03 13.93 -24.57
CA LEU B 326 15.96 15.35 -24.35
C LEU B 326 16.81 16.08 -25.37
N SER B 327 17.96 15.49 -25.70
CA SER B 327 18.91 16.06 -26.66
C SER B 327 18.22 16.52 -27.96
N ALA B 328 18.46 17.77 -28.36
CA ALA B 328 17.82 18.35 -29.54
C ALA B 328 18.13 17.57 -30.82
N THR B 329 19.39 17.21 -31.02
CA THR B 329 19.74 16.43 -32.21
C THR B 329 19.11 15.04 -32.15
N ALA B 330 19.07 14.45 -30.96
CA ALA B 330 18.41 13.18 -30.80
C ALA B 330 16.93 13.21 -31.21
N VAL B 331 16.17 14.23 -30.82
CA VAL B 331 14.76 14.14 -31.19
C VAL B 331 14.57 14.49 -32.65
N THR B 332 15.44 15.35 -33.18
CA THR B 332 15.39 15.67 -34.60
C THR B 332 15.64 14.41 -35.42
N GLN B 333 16.51 13.55 -34.91
CA GLN B 333 16.86 12.33 -35.62
C GLN B 333 15.75 11.30 -35.55
N LEU B 334 15.12 11.18 -34.39
CA LEU B 334 14.09 10.17 -34.19
C LEU B 334 12.73 10.57 -34.77
N ARG B 335 12.50 11.87 -34.96
CA ARG B 335 11.28 12.33 -35.61
C ARG B 335 11.36 11.98 -37.09
N ALA B 336 12.53 12.23 -37.69
CA ALA B 336 12.74 11.90 -39.10
C ALA B 336 12.69 10.40 -39.36
N SER B 337 13.08 9.59 -38.39
CA SER B 337 13.07 8.15 -38.66
C SER B 337 11.72 7.55 -38.31
N GLY B 338 10.75 8.39 -37.93
CA GLY B 338 9.45 7.93 -37.50
C GLY B 338 9.36 7.29 -36.11
N VAL B 339 10.48 7.21 -35.40
CA VAL B 339 10.47 6.59 -34.08
C VAL B 339 9.72 7.46 -33.09
N ILE B 340 9.90 8.77 -33.22
CA ILE B 340 9.16 9.76 -32.43
C ILE B 340 7.96 10.29 -33.23
N LYS B 341 6.76 10.12 -32.72
CA LYS B 341 5.57 10.56 -33.44
C LYS B 341 4.79 11.58 -32.65
N ASP B 342 4.54 12.74 -33.26
CA ASP B 342 3.87 13.83 -32.57
C ASP B 342 2.48 13.42 -32.11
N GLU B 343 1.92 12.38 -32.70
CA GLU B 343 0.57 11.98 -32.31
C GLU B 343 0.50 11.10 -31.07
N ASP B 344 1.58 10.38 -30.78
CA ASP B 344 1.65 9.59 -29.54
C ASP B 344 1.38 10.47 -28.30
N PRO B 345 0.38 10.11 -27.48
CA PRO B 345 -0.03 10.91 -26.31
C PRO B 345 1.13 11.24 -25.38
N SER B 346 2.09 10.33 -25.31
CA SER B 346 3.29 10.51 -24.50
C SER B 346 4.08 11.69 -25.01
N VAL B 347 4.22 11.77 -26.33
CA VAL B 347 5.05 12.80 -26.96
C VAL B 347 4.31 14.13 -26.99
N ALA B 348 3.00 14.06 -27.22
CA ALA B 348 2.22 15.28 -27.32
C ALA B 348 2.20 15.96 -25.95
N GLY B 349 2.05 15.14 -24.91
CA GLY B 349 2.08 15.62 -23.56
C GLY B 349 3.41 16.28 -23.24
N LEU B 350 4.50 15.56 -23.54
CA LEU B 350 5.83 16.11 -23.31
C LEU B 350 5.95 17.48 -23.98
N ASN B 351 5.59 17.56 -25.26
CA ASN B 351 5.66 18.82 -25.97
C ASN B 351 4.88 19.92 -25.27
N ALA B 353 3.86 20.20 -22.27
CA ALA B 353 4.45 20.50 -20.98
C ALA B 353 5.67 21.39 -21.11
N LEU B 354 6.56 21.06 -22.06
CA LEU B 354 7.78 21.87 -22.28
C LEU B 354 7.45 23.31 -22.64
N GLU B 355 6.25 23.51 -23.19
CA GLU B 355 5.86 24.79 -23.72
C GLU B 355 5.11 25.65 -22.68
N LEU B 356 4.73 25.06 -21.56
CA LEU B 356 3.98 25.80 -20.56
C LEU B 356 4.91 26.70 -19.77
N PRO B 357 4.38 27.82 -19.26
CA PRO B 357 5.18 28.74 -18.47
C PRO B 357 5.68 28.06 -17.22
N HIS B 358 6.98 28.17 -16.98
CA HIS B 358 7.56 27.53 -15.83
C HIS B 358 8.44 28.53 -15.10
N LYS B 359 8.75 28.24 -13.84
CA LYS B 359 9.64 29.11 -13.08
C LYS B 359 10.16 28.38 -11.83
N THR B 361 11.31 25.69 -9.48
CA THR B 361 12.00 24.46 -9.74
C THR B 361 11.68 23.48 -8.61
N THR B 362 12.19 22.26 -8.73
CA THR B 362 11.69 21.20 -7.88
C THR B 362 12.78 20.38 -7.19
N SER B 363 12.45 19.89 -5.99
CA SER B 363 13.36 19.07 -5.20
C SER B 363 13.04 17.58 -5.29
N PRO B 364 14.08 16.74 -5.39
CA PRO B 364 13.82 15.29 -5.39
C PRO B 364 13.16 14.78 -4.09
N TYR B 365 13.32 15.50 -3.00
CA TYR B 365 12.72 15.11 -1.74
C TYR B 365 11.19 15.19 -1.78
N PHE B 366 10.63 15.94 -2.70
CA PHE B 366 9.19 16.01 -2.76
C PHE B 366 8.61 14.67 -3.18
N LEU B 367 9.43 13.85 -3.85
CA LEU B 367 8.98 12.55 -4.34
C LEU B 367 9.29 11.40 -3.37
N ASP B 368 9.76 11.74 -2.18
CA ASP B 368 10.15 10.73 -1.18
C ASP B 368 8.97 9.87 -0.72
N TRP B 369 9.12 8.54 -0.83
CA TRP B 369 8.05 7.59 -0.52
C TRP B 369 7.43 7.77 0.87
N GLN B 370 8.23 8.19 1.85
CA GLN B 370 7.70 8.45 3.17
C GLN B 370 6.77 9.66 3.16
N ILE B 371 7.15 10.72 2.43
CA ILE B 371 6.31 11.89 2.26
C ILE B 371 4.98 11.50 1.60
N TRP B 372 5.06 10.71 0.53
CA TRP B 372 3.85 10.26 -0.16
C TRP B 372 2.94 9.44 0.77
N SER B 373 3.54 8.55 1.55
CA SER B 373 2.80 7.75 2.50
C SER B 373 2.13 8.61 3.60
N LEU B 374 2.84 9.62 4.09
CA LEU B 374 2.27 10.52 5.09
C LEU B 374 1.04 11.23 4.51
N PHE B 375 1.18 11.73 3.28
CA PHE B 375 0.08 12.41 2.61
C PHE B 375 -1.15 11.51 2.50
N LEU B 376 -0.94 10.25 2.15
CA LEU B 376 -2.05 9.31 2.13
C LEU B 376 -2.72 9.24 3.52
N ASP B 377 -1.93 9.17 4.58
CA ASP B 377 -2.51 9.17 5.92
C ASP B 377 -3.35 10.40 6.19
N ALA B 378 -2.82 11.56 5.80
CA ALA B 378 -3.44 12.85 6.12
C ALA B 378 -4.81 13.00 5.46
N ILE B 379 -4.92 12.62 4.19
CA ILE B 379 -6.21 12.69 3.49
C ILE B 379 -7.25 11.64 3.95
N GLN B 380 -6.79 10.45 4.33
CA GLN B 380 -7.72 9.49 4.92
C GLN B 380 -8.30 10.04 6.22
N TYR B 381 -7.44 10.63 7.06
CA TYR B 381 -7.90 11.33 8.26
C TYR B 381 -9.00 12.33 7.95
N ILE B 382 -8.92 12.97 6.79
CA ILE B 382 -9.98 13.90 6.40
C ILE B 382 -11.23 13.15 5.90
N ASP B 383 -11.03 12.23 4.97
CA ASP B 383 -12.13 11.43 4.43
C ASP B 383 -12.87 10.58 5.47
N TYR B 384 -12.13 10.02 6.41
CA TYR B 384 -12.70 9.09 7.39
C TYR B 384 -13.08 9.82 8.68
N GLY B 385 -12.93 11.14 8.66
CA GLY B 385 -13.28 12.01 9.77
C GLY B 385 -12.54 11.89 11.09
N GLN B 386 -11.24 11.55 11.10
CA GLN B 386 -10.43 11.67 12.33
C GLN B 386 -10.00 13.11 12.62
N LYS B 387 -9.77 13.87 11.55
CA LYS B 387 -9.22 15.20 11.66
C LYS B 387 -9.93 16.18 10.74
N THR B 388 -10.03 17.43 11.19
CA THR B 388 -10.49 18.50 10.34
C THR B 388 -9.33 18.86 9.41
N VAL B 389 -9.60 19.68 8.41
CA VAL B 389 -8.59 20.13 7.47
C VAL B 389 -7.46 20.86 8.20
N GLN B 390 -7.81 21.74 9.12
CA GLN B 390 -6.83 22.46 9.92
CA GLN B 390 -6.83 22.46 9.92
C GLN B 390 -5.90 21.52 10.68
N GLU B 391 -6.48 20.59 11.44
CA GLU B 391 -5.69 19.63 12.22
C GLU B 391 -4.79 18.80 11.33
N THR B 392 -5.35 18.30 10.23
CA THR B 392 -4.59 17.56 9.25
C THR B 392 -3.43 18.37 8.72
N ALA B 393 -3.66 19.67 8.47
CA ALA B 393 -2.60 20.53 7.96
C ALA B 393 -1.44 20.56 8.94
N GLU B 394 -1.74 20.95 10.18
CA GLU B 394 -0.69 21.04 11.20
C GLU B 394 0.07 19.72 11.32
N TYR B 395 -0.68 18.63 11.29
CA TYR B 395 -0.12 17.30 11.39
C TYR B 395 0.83 17.00 10.25
N PHE B 396 0.40 17.31 9.03
CA PHE B 396 1.23 17.02 7.89
C PHE B 396 2.51 17.89 7.90
N ASN B 397 2.35 19.15 8.27
CA ASN B 397 3.45 20.09 8.31
C ASN B 397 4.50 19.59 9.30
N LYS B 398 4.02 19.14 10.45
CA LYS B 398 4.90 18.69 11.53
C LYS B 398 5.63 17.38 11.22
N GLN B 399 4.88 16.30 11.00
CA GLN B 399 5.51 15.03 10.66
C GLN B 399 6.29 15.13 9.35
N GLY B 400 5.86 16.04 8.48
CA GLY B 400 6.51 16.20 7.19
C GLY B 400 7.90 16.77 7.34
N ASP B 401 8.05 17.75 8.22
CA ASP B 401 9.38 18.29 8.51
C ASP B 401 10.31 17.24 9.17
N ARG B 402 9.77 16.42 10.08
CA ARG B 402 10.58 15.39 10.73
C ARG B 402 11.08 14.35 9.73
N ILE B 403 10.25 14.02 8.74
CA ILE B 403 10.65 13.08 7.69
C ILE B 403 11.72 13.71 6.78
N LEU B 404 11.61 15.00 6.51
CA LEU B 404 12.59 15.65 5.65
C LEU B 404 13.94 15.79 6.34
N LYS B 405 13.95 16.27 7.58
CA LYS B 405 15.20 16.39 8.31
C LYS B 405 15.95 15.06 8.29
N ARG B 406 15.29 13.98 8.67
CA ARG B 406 15.94 12.67 8.63
C ARG B 406 16.53 12.40 7.25
N ALA B 407 15.72 12.57 6.21
CA ALA B 407 16.12 12.21 4.85
C ALA B 407 17.27 13.06 4.31
N ARG B 409 19.53 14.70 6.23
CA ARG B 409 20.58 14.90 7.22
C ARG B 409 21.90 14.21 6.85
#